data_1TUF
#
_entry.id   1TUF
#
_cell.length_a   80.806
_cell.length_b   80.806
_cell.length_c   508.503
_cell.angle_alpha   90.00
_cell.angle_beta   90.00
_cell.angle_gamma   120.00
#
_symmetry.space_group_name_H-M   'P 61 2 2'
#
loop_
_entity.id
_entity.type
_entity.pdbx_description
1 polymer 'Diaminopimelate decarboxylase'
2 non-polymer 'AZELAIC ACID'
3 water water
#
_entity_poly.entity_id   1
_entity_poly.type   'polypeptide(L)'
_entity_poly.pdbx_seq_one_letter_code
;FLGNDTVEIKDGRFFIDGYDAIELAEKFGTPLYVMSEEQIKINYNRYIEAFKRWEEETGKEFIVAYAY(LLP)ANANLAI
TRLLAKLGCGADVVSGGELYIAKLSNVPSKKIVFNGNCKTKEEIIMGIEANIRAFNVDSISELILINETAKELGETANVA
FRINPNVNPKTHPKISTGLKKNKFGLDVESGIAMKAIKMALEMEYVNVVGVHCHIGSQLTDISPFIEETRKVMDFVVELK
EEGIEIEDVNLGGGLGIPYYKDKQIPTQKDLADAIINTMLKYKDKVEMPNLILEPGRSLVATAGYLLGKVHHIKETPVTK
WVMIDAGMNDMMRPAMYEAYHHIINCKVKNEKEVVSIAGGLCESSDVFGRDRELDKVEVGDVLAIFDVGAYGISMANNYN
ARGRPRMVLTSKKGVFLIRERETYADLIAKDIVPPHLL
;
_entity_poly.pdbx_strand_id   A,B
#
# COMPACT_ATOMS: atom_id res chain seq x y z
N PHE A 1 7.65 -21.53 13.58
CA PHE A 1 7.59 -22.42 14.78
C PHE A 1 7.16 -21.60 16.00
N LEU A 2 8.03 -20.75 16.49
CA LEU A 2 7.74 -19.91 17.64
C LEU A 2 6.56 -18.99 17.35
N GLY A 3 5.44 -19.22 18.04
CA GLY A 3 4.26 -18.40 17.83
C GLY A 3 3.23 -19.07 16.94
N ASN A 4 3.68 -20.04 16.16
CA ASN A 4 2.79 -20.75 15.25
C ASN A 4 2.47 -22.08 15.89
N ASP A 5 1.56 -22.05 16.85
CA ASP A 5 1.16 -23.22 17.62
C ASP A 5 0.26 -24.24 16.93
N THR A 6 -0.34 -23.87 15.80
CA THR A 6 -1.25 -24.77 15.10
C THR A 6 -0.72 -25.37 13.79
N VAL A 7 0.56 -25.20 13.52
CA VAL A 7 1.15 -25.76 12.30
C VAL A 7 2.13 -26.87 12.62
N GLU A 8 2.32 -27.77 11.65
CA GLU A 8 3.23 -28.87 11.86
C GLU A 8 3.77 -29.38 10.54
N ILE A 9 4.59 -30.43 10.62
CA ILE A 9 5.20 -31.05 9.47
C ILE A 9 5.00 -32.56 9.49
N LYS A 10 3.96 -33.04 8.82
CA LYS A 10 3.68 -34.47 8.78
C LYS A 10 4.26 -35.11 7.53
N ASP A 11 5.20 -36.02 7.72
CA ASP A 11 5.81 -36.74 6.59
C ASP A 11 6.28 -35.82 5.47
N GLY A 12 7.19 -34.90 5.80
CA GLY A 12 7.72 -33.99 4.80
C GLY A 12 6.72 -33.10 4.08
N ARG A 13 5.72 -32.60 4.81
CA ARG A 13 4.70 -31.70 4.24
C ARG A 13 4.17 -30.76 5.30
N PHE A 14 3.96 -29.51 4.92
CA PHE A 14 3.47 -28.50 5.86
C PHE A 14 1.97 -28.61 6.09
N PHE A 15 1.56 -28.47 7.35
CA PHE A 15 0.15 -28.57 7.71
C PHE A 15 -0.28 -27.41 8.58
N ILE A 16 -1.49 -26.94 8.35
CA ILE A 16 -2.05 -25.84 9.13
C ILE A 16 -3.34 -26.38 9.73
N ASP A 17 -3.41 -26.49 11.06
CA ASP A 17 -4.61 -27.04 11.69
C ASP A 17 -4.92 -28.42 11.10
N GLY A 18 -3.88 -29.22 10.86
CA GLY A 18 -4.09 -30.55 10.32
C GLY A 18 -4.29 -30.64 8.81
N TYR A 19 -4.48 -29.51 8.17
CA TYR A 19 -4.70 -29.47 6.72
C TYR A 19 -3.39 -29.35 5.95
N ASP A 20 -3.31 -30.09 4.85
CA ASP A 20 -2.12 -30.08 4.01
C ASP A 20 -2.09 -28.78 3.21
N ALA A 21 -1.10 -27.94 3.48
CA ALA A 21 -0.96 -26.66 2.81
C ALA A 21 -0.89 -26.79 1.29
N ILE A 22 -0.12 -27.75 0.81
CA ILE A 22 0.00 -27.95 -0.63
C ILE A 22 -1.35 -28.27 -1.24
N GLU A 23 -2.16 -29.05 -0.53
CA GLU A 23 -3.47 -29.41 -1.04
C GLU A 23 -4.43 -28.22 -1.01
N LEU A 24 -4.29 -27.37 0.00
CA LEU A 24 -5.14 -26.19 0.09
C LEU A 24 -4.86 -25.31 -1.12
N ALA A 25 -3.57 -25.11 -1.41
CA ALA A 25 -3.17 -24.29 -2.53
C ALA A 25 -3.69 -24.87 -3.85
N GLU A 26 -3.71 -26.20 -3.92
CA GLU A 26 -4.17 -26.89 -5.12
C GLU A 26 -5.69 -26.80 -5.25
N LYS A 27 -6.38 -26.73 -4.12
CA LYS A 27 -7.84 -26.67 -4.12
C LYS A 27 -8.42 -25.27 -4.28
N PHE A 28 -7.79 -24.27 -3.68
CA PHE A 28 -8.28 -22.90 -3.75
C PHE A 28 -7.44 -21.99 -4.63
N GLY A 29 -6.39 -22.55 -5.22
CA GLY A 29 -5.52 -21.76 -6.09
C GLY A 29 -4.57 -20.88 -5.30
N THR A 30 -3.71 -20.16 -6.01
CA THR A 30 -2.77 -19.27 -5.36
C THR A 30 -2.74 -17.95 -6.12
N PRO A 31 -2.33 -16.86 -5.47
CA PRO A 31 -1.91 -16.80 -4.06
C PRO A 31 -3.08 -17.04 -3.13
N LEU A 32 -2.80 -17.61 -1.97
CA LEU A 32 -3.85 -17.91 -1.01
C LEU A 32 -3.48 -17.57 0.42
N TYR A 33 -4.40 -16.89 1.11
CA TYR A 33 -4.24 -16.52 2.50
C TYR A 33 -4.92 -17.64 3.27
N VAL A 34 -4.25 -18.13 4.32
CA VAL A 34 -4.82 -19.17 5.16
C VAL A 34 -4.81 -18.70 6.60
N MET A 35 -5.99 -18.51 7.17
CA MET A 35 -6.12 -18.06 8.55
C MET A 35 -6.53 -19.24 9.43
N SER A 36 -5.85 -19.38 10.57
CA SER A 36 -6.10 -20.45 11.53
C SER A 36 -7.07 -20.03 12.64
N GLU A 37 -8.27 -20.59 12.63
CA GLU A 37 -9.25 -20.24 13.64
C GLU A 37 -8.70 -20.51 15.04
N GLU A 38 -8.14 -21.70 15.24
CA GLU A 38 -7.56 -22.08 16.53
C GLU A 38 -6.46 -21.14 17.00
N GLN A 39 -5.54 -20.79 16.10
CA GLN A 39 -4.47 -19.89 16.51
C GLN A 39 -5.06 -18.60 17.07
N ILE A 40 -6.15 -18.13 16.48
CA ILE A 40 -6.77 -16.90 16.97
C ILE A 40 -7.34 -17.12 18.37
N LYS A 41 -7.89 -18.31 18.61
CA LYS A 41 -8.46 -18.63 19.91
C LYS A 41 -7.32 -18.65 20.94
N ILE A 42 -6.21 -19.25 20.54
CA ILE A 42 -5.04 -19.35 21.38
C ILE A 42 -4.51 -17.97 21.76
N ASN A 43 -4.30 -17.12 20.75
CA ASN A 43 -3.79 -15.78 21.01
C ASN A 43 -4.73 -14.98 21.90
N TYR A 44 -6.03 -15.16 21.70
CA TYR A 44 -7.01 -14.43 22.51
C TYR A 44 -7.02 -14.95 23.95
N ASN A 45 -7.09 -16.27 24.11
CA ASN A 45 -7.11 -16.83 25.45
C ASN A 45 -5.90 -16.43 26.27
N ARG A 46 -4.72 -16.41 25.65
CA ARG A 46 -3.53 -16.00 26.38
C ARG A 46 -3.67 -14.63 27.00
N TYR A 47 -4.39 -13.73 26.33
CA TYR A 47 -4.62 -12.38 26.83
C TYR A 47 -5.62 -12.41 27.98
N ILE A 48 -6.53 -13.37 27.93
CA ILE A 48 -7.56 -13.49 28.97
C ILE A 48 -6.99 -14.14 30.22
N GLU A 49 -6.31 -15.26 30.01
CA GLU A 49 -5.71 -16.04 31.09
C GLU A 49 -4.64 -15.23 31.82
N ALA A 50 -3.96 -14.34 31.09
CA ALA A 50 -2.89 -13.56 31.68
C ALA A 50 -3.37 -12.29 32.38
N PHE A 51 -4.59 -11.87 32.08
CA PHE A 51 -5.12 -10.67 32.70
C PHE A 51 -6.27 -10.91 33.67
N LYS A 52 -6.72 -12.16 33.78
CA LYS A 52 -7.82 -12.50 34.68
C LYS A 52 -7.52 -12.01 36.09
N ARG A 53 -6.25 -11.77 36.36
CA ARG A 53 -5.80 -11.30 37.64
C ARG A 53 -6.39 -9.91 37.97
N TRP A 54 -6.73 -9.15 36.94
CA TRP A 54 -7.27 -7.81 37.14
C TRP A 54 -8.69 -7.77 37.69
N GLU A 55 -9.50 -8.78 37.35
CA GLU A 55 -10.88 -8.84 37.83
C GLU A 55 -10.95 -9.68 39.10
N GLU A 56 -9.88 -9.63 39.89
CA GLU A 56 -9.83 -10.37 41.13
C GLU A 56 -9.36 -9.41 42.21
N GLU A 57 -8.27 -8.72 41.91
CA GLU A 57 -7.71 -7.79 42.86
C GLU A 57 -8.32 -6.40 42.77
N THR A 58 -9.20 -6.20 41.80
CA THR A 58 -9.83 -4.89 41.63
C THR A 58 -11.34 -5.03 41.48
N GLY A 59 -11.78 -6.22 41.08
CA GLY A 59 -13.19 -6.46 40.89
C GLY A 59 -13.74 -5.65 39.74
N LYS A 60 -12.86 -5.25 38.84
CA LYS A 60 -13.24 -4.47 37.66
C LYS A 60 -13.03 -5.32 36.42
N GLU A 61 -13.49 -4.81 35.28
CA GLU A 61 -13.37 -5.54 34.02
C GLU A 61 -12.10 -5.27 33.22
N PHE A 62 -11.66 -6.30 32.53
CA PHE A 62 -10.50 -6.19 31.64
C PHE A 62 -11.08 -6.47 30.25
N ILE A 63 -11.00 -5.46 29.37
CA ILE A 63 -11.55 -5.60 28.03
C ILE A 63 -10.50 -5.55 26.92
N VAL A 64 -10.58 -6.53 26.03
CA VAL A 64 -9.66 -6.61 24.89
C VAL A 64 -10.38 -6.08 23.64
N ALA A 65 -10.03 -4.86 23.24
CA ALA A 65 -10.63 -4.26 22.05
C ALA A 65 -9.68 -4.55 20.88
N TYR A 66 -9.99 -5.57 20.10
CA TYR A 66 -9.17 -5.94 18.94
C TYR A 66 -9.04 -4.76 17.96
N ALA A 67 -7.82 -4.45 17.54
CA ALA A 67 -7.58 -3.37 16.61
C ALA A 67 -7.90 -3.83 15.18
N TYR A 68 -9.12 -3.54 14.76
CA TYR A 68 -9.62 -3.91 13.43
C TYR A 68 -8.66 -3.65 12.27
N ALA A 70 -5.83 -4.25 11.83
CA ALA A 70 -4.87 -5.31 11.61
C ALA A 70 -5.43 -6.34 10.64
N ASN A 71 -6.75 -6.52 10.68
CA ASN A 71 -7.43 -7.47 9.80
C ASN A 71 -8.90 -7.35 10.12
N ALA A 72 -9.70 -6.84 9.18
CA ALA A 72 -11.13 -6.67 9.44
C ALA A 72 -12.01 -7.54 8.57
N ASN A 73 -11.51 -8.70 8.16
CA ASN A 73 -12.31 -9.60 7.36
C ASN A 73 -13.58 -9.97 8.15
N LEU A 74 -14.73 -9.98 7.50
CA LEU A 74 -15.98 -10.28 8.19
C LEU A 74 -15.95 -11.58 9.03
N ALA A 75 -15.43 -12.64 8.45
CA ALA A 75 -15.35 -13.94 9.12
C ALA A 75 -14.46 -13.89 10.36
N ILE A 76 -13.37 -13.13 10.28
CA ILE A 76 -12.43 -12.99 11.40
C ILE A 76 -13.06 -12.17 12.53
N THR A 77 -13.53 -10.96 12.22
CA THR A 77 -14.14 -10.10 13.23
C THR A 77 -15.33 -10.83 13.84
N ARG A 78 -15.99 -11.63 13.04
CA ARG A 78 -17.15 -12.40 13.48
C ARG A 78 -16.67 -13.40 14.54
N LEU A 79 -15.61 -14.12 14.21
CA LEU A 79 -15.02 -15.12 15.09
C LEU A 79 -14.57 -14.46 16.40
N LEU A 80 -13.85 -13.36 16.30
CA LEU A 80 -13.40 -12.68 17.49
C LEU A 80 -14.59 -12.19 18.30
N ALA A 81 -15.67 -11.83 17.60
CA ALA A 81 -16.87 -11.36 18.28
C ALA A 81 -17.46 -12.50 19.12
N LYS A 82 -17.59 -13.66 18.49
CA LYS A 82 -18.12 -14.81 19.18
C LYS A 82 -17.34 -15.18 20.44
N LEU A 83 -16.05 -14.89 20.46
CA LEU A 83 -15.22 -15.20 21.62
C LEU A 83 -15.40 -14.19 22.74
N GLY A 84 -16.31 -13.25 22.53
CA GLY A 84 -16.58 -12.22 23.53
C GLY A 84 -15.55 -11.11 23.50
N CYS A 85 -14.78 -11.06 22.41
CA CYS A 85 -13.74 -10.03 22.27
C CYS A 85 -14.38 -8.68 21.93
N GLY A 86 -13.67 -7.59 22.21
CA GLY A 86 -14.20 -6.28 21.92
C GLY A 86 -13.57 -5.75 20.63
N ALA A 87 -13.83 -4.50 20.30
CA ALA A 87 -13.25 -3.99 19.08
C ALA A 87 -12.73 -2.56 19.14
N ASP A 88 -11.53 -2.36 18.62
CA ASP A 88 -10.93 -1.04 18.55
C ASP A 88 -11.07 -0.61 17.11
N VAL A 89 -12.06 0.22 16.85
CA VAL A 89 -12.33 0.71 15.51
C VAL A 89 -11.78 2.10 15.33
N VAL A 90 -11.30 2.37 14.12
CA VAL A 90 -10.70 3.67 13.83
C VAL A 90 -11.32 4.40 12.64
N SER A 91 -12.52 3.98 12.23
CA SER A 91 -13.20 4.64 11.11
C SER A 91 -14.64 4.18 10.98
N GLY A 92 -15.40 4.89 10.16
CA GLY A 92 -16.79 4.52 9.95
C GLY A 92 -16.92 3.09 9.47
N GLY A 93 -15.97 2.65 8.65
CA GLY A 93 -16.01 1.29 8.12
C GLY A 93 -15.76 0.21 9.15
N GLU A 94 -14.84 0.44 10.07
CA GLU A 94 -14.56 -0.54 11.10
C GLU A 94 -15.74 -0.58 12.08
N LEU A 95 -16.32 0.57 12.37
CA LEU A 95 -17.47 0.58 13.27
C LEU A 95 -18.59 -0.21 12.61
N TYR A 96 -18.78 0.00 11.31
CA TYR A 96 -19.82 -0.68 10.53
C TYR A 96 -19.64 -2.20 10.58
N ILE A 97 -18.41 -2.66 10.34
CA ILE A 97 -18.08 -4.08 10.38
C ILE A 97 -18.20 -4.63 11.81
N ALA A 98 -17.77 -3.84 12.79
CA ALA A 98 -17.86 -4.27 14.18
C ALA A 98 -19.31 -4.54 14.56
N LYS A 99 -20.20 -3.60 14.26
CA LYS A 99 -21.61 -3.76 14.58
C LYS A 99 -22.22 -4.92 13.78
N LEU A 100 -21.75 -5.11 12.54
CA LEU A 100 -22.27 -6.20 11.74
C LEU A 100 -21.73 -7.53 12.28
N SER A 101 -20.56 -7.46 12.91
CA SER A 101 -19.98 -8.67 13.47
C SER A 101 -20.63 -9.01 14.82
N ASN A 102 -21.61 -8.20 15.21
CA ASN A 102 -22.35 -8.43 16.45
C ASN A 102 -21.50 -8.22 17.70
N VAL A 103 -20.64 -7.21 17.65
CA VAL A 103 -19.79 -6.87 18.77
C VAL A 103 -20.55 -5.85 19.59
N PRO A 104 -20.83 -6.17 20.87
CA PRO A 104 -21.56 -5.27 21.77
C PRO A 104 -20.96 -3.88 21.81
N SER A 105 -21.81 -2.86 21.75
CA SER A 105 -21.34 -1.49 21.78
C SER A 105 -20.54 -1.21 23.04
N LYS A 106 -20.92 -1.84 24.15
CA LYS A 106 -20.22 -1.63 25.43
C LYS A 106 -18.76 -2.04 25.34
N LYS A 107 -18.41 -2.76 24.28
CA LYS A 107 -17.03 -3.20 24.08
C LYS A 107 -16.39 -2.63 22.81
N ILE A 108 -16.78 -1.40 22.46
CA ILE A 108 -16.28 -0.71 21.26
C ILE A 108 -15.70 0.68 21.50
N VAL A 109 -14.43 0.87 21.17
CA VAL A 109 -13.79 2.17 21.31
C VAL A 109 -13.45 2.70 19.92
N PHE A 110 -13.63 4.01 19.75
CA PHE A 110 -13.38 4.67 18.47
C PHE A 110 -12.19 5.62 18.52
N ASN A 111 -11.13 5.27 17.79
CA ASN A 111 -9.91 6.09 17.72
C ASN A 111 -9.83 6.80 16.37
N GLY A 112 -8.95 7.79 16.29
CA GLY A 112 -8.80 8.53 15.05
C GLY A 112 -8.59 9.99 15.32
N ASN A 113 -7.67 10.60 14.57
CA ASN A 113 -7.37 12.01 14.73
C ASN A 113 -8.23 12.83 13.79
N CYS A 114 -9.02 12.18 12.95
CA CYS A 114 -9.85 12.95 12.06
C CYS A 114 -11.23 12.35 11.91
N LYS A 115 -11.97 12.35 13.01
CA LYS A 115 -13.32 11.83 13.03
C LYS A 115 -14.25 12.85 12.40
N THR A 116 -15.03 12.39 11.42
CA THR A 116 -15.98 13.24 10.70
C THR A 116 -17.35 13.20 11.38
N LYS A 117 -18.14 14.24 11.17
CA LYS A 117 -19.47 14.28 11.76
C LYS A 117 -20.19 12.96 11.44
N GLU A 118 -20.05 12.49 10.20
CA GLU A 118 -20.68 11.24 9.76
C GLU A 118 -20.28 10.08 10.68
N GLU A 119 -18.98 9.95 10.96
CA GLU A 119 -18.51 8.88 11.83
C GLU A 119 -18.98 9.09 13.29
N ILE A 120 -19.05 10.34 13.72
CA ILE A 120 -19.49 10.63 15.07
C ILE A 120 -20.94 10.20 15.28
N ILE A 121 -21.80 10.59 14.34
CA ILE A 121 -23.21 10.22 14.41
C ILE A 121 -23.33 8.71 14.56
N MET A 122 -22.58 7.99 13.74
CA MET A 122 -22.60 6.53 13.76
C MET A 122 -22.21 6.00 15.15
N GLY A 123 -21.19 6.61 15.74
CA GLY A 123 -20.74 6.20 17.06
C GLY A 123 -21.76 6.50 18.14
N ILE A 124 -22.40 7.67 18.06
CA ILE A 124 -23.41 8.04 19.04
C ILE A 124 -24.65 7.18 18.92
N GLU A 125 -25.19 7.05 17.70
CA GLU A 125 -26.38 6.23 17.52
C GLU A 125 -26.12 4.81 18.01
N ALA A 126 -24.92 4.30 17.71
CA ALA A 126 -24.53 2.95 18.12
C ALA A 126 -24.21 2.89 19.61
N ASN A 127 -24.14 4.05 20.24
CA ASN A 127 -23.85 4.11 21.67
C ASN A 127 -22.59 3.30 22.04
N ILE A 128 -21.46 3.61 21.40
CA ILE A 128 -20.22 2.89 21.68
C ILE A 128 -19.71 3.20 23.09
N ARG A 129 -18.93 2.28 23.65
CA ARG A 129 -18.40 2.46 25.00
C ARG A 129 -17.72 3.81 25.11
N ALA A 130 -16.81 4.10 24.20
CA ALA A 130 -16.13 5.37 24.26
C ALA A 130 -15.54 5.90 22.98
N PHE A 131 -15.46 7.22 22.91
CA PHE A 131 -14.86 7.93 21.80
C PHE A 131 -13.49 8.33 22.32
N ASN A 132 -12.43 7.70 21.84
CA ASN A 132 -11.12 8.10 22.32
C ASN A 132 -10.81 9.45 21.68
N VAL A 133 -11.31 10.52 22.29
CA VAL A 133 -11.10 11.85 21.76
C VAL A 133 -9.61 12.11 21.56
N ASP A 134 -9.29 12.75 20.43
CA ASP A 134 -7.92 13.03 20.04
C ASP A 134 -7.55 14.50 20.18
N SER A 135 -8.54 15.37 20.05
CA SER A 135 -8.33 16.82 20.13
C SER A 135 -9.57 17.54 20.65
N ILE A 136 -9.39 18.82 20.97
CA ILE A 136 -10.48 19.65 21.48
C ILE A 136 -11.47 19.92 20.34
N SER A 137 -10.95 20.00 19.12
CA SER A 137 -11.78 20.24 17.95
C SER A 137 -12.73 19.07 17.79
N GLU A 138 -12.25 17.87 18.14
CA GLU A 138 -13.07 16.67 18.05
C GLU A 138 -14.15 16.67 19.14
N LEU A 139 -13.77 17.07 20.36
CA LEU A 139 -14.70 17.10 21.49
C LEU A 139 -15.85 18.06 21.20
N ILE A 140 -15.52 19.25 20.73
CA ILE A 140 -16.52 20.25 20.40
C ILE A 140 -17.49 19.74 19.34
N LEU A 141 -16.98 18.89 18.44
CA LEU A 141 -17.80 18.34 17.36
C LEU A 141 -18.70 17.25 17.92
N ILE A 142 -18.12 16.35 18.71
CA ILE A 142 -18.89 15.27 19.31
C ILE A 142 -20.02 15.84 20.18
N ASN A 143 -19.67 16.76 21.05
CA ASN A 143 -20.66 17.38 21.94
C ASN A 143 -21.76 18.06 21.13
N GLU A 144 -21.38 18.88 20.16
CA GLU A 144 -22.35 19.56 19.31
C GLU A 144 -23.21 18.57 18.53
N THR A 145 -22.61 17.46 18.12
CA THR A 145 -23.34 16.45 17.35
C THR A 145 -24.30 15.67 18.23
N ALA A 146 -23.88 15.34 19.46
CA ALA A 146 -24.75 14.63 20.36
C ALA A 146 -25.97 15.51 20.67
N LYS A 147 -25.74 16.80 20.84
CA LYS A 147 -26.84 17.70 21.13
C LYS A 147 -27.87 17.60 20.00
N GLU A 148 -27.37 17.53 18.77
CA GLU A 148 -28.23 17.42 17.59
C GLU A 148 -29.06 16.14 17.62
N LEU A 149 -28.42 15.03 17.99
CA LEU A 149 -29.13 13.76 18.04
C LEU A 149 -30.02 13.66 19.26
N GLY A 150 -29.76 14.49 20.27
CA GLY A 150 -30.54 14.43 21.49
C GLY A 150 -30.08 13.28 22.35
N GLU A 151 -28.83 12.89 22.16
CA GLU A 151 -28.24 11.79 22.91
C GLU A 151 -26.96 12.25 23.61
N THR A 152 -26.35 11.33 24.37
CA THR A 152 -25.12 11.62 25.10
C THR A 152 -24.02 10.72 24.54
N ALA A 153 -22.84 11.28 24.29
CA ALA A 153 -21.72 10.51 23.76
C ALA A 153 -20.68 10.24 24.85
N ASN A 154 -20.17 9.01 24.89
CA ASN A 154 -19.17 8.65 25.87
C ASN A 154 -17.79 9.01 25.32
N VAL A 155 -16.98 9.71 26.12
CA VAL A 155 -15.68 10.12 25.63
C VAL A 155 -14.50 9.84 26.54
N ALA A 156 -13.49 9.19 25.99
CA ALA A 156 -12.27 8.91 26.73
C ALA A 156 -11.33 9.95 26.15
N PHE A 157 -10.07 9.94 26.58
CA PHE A 157 -9.13 10.92 26.06
C PHE A 157 -7.76 10.32 25.76
N ARG A 158 -7.34 10.46 24.51
CA ARG A 158 -6.05 9.95 24.11
C ARG A 158 -5.06 11.02 24.55
N ILE A 159 -4.18 10.64 25.46
CA ILE A 159 -3.20 11.56 25.99
C ILE A 159 -1.78 11.13 25.67
N ASN A 160 -0.87 12.10 25.68
CA ASN A 160 0.53 11.82 25.43
C ASN A 160 1.25 12.07 26.77
N PRO A 161 1.42 11.01 27.56
CA PRO A 161 2.07 11.03 28.88
C PRO A 161 3.43 11.71 28.90
N ASN A 162 3.79 12.26 30.06
CA ASN A 162 5.07 12.94 30.22
C ASN A 162 6.21 11.93 30.34
N VAL A 163 6.37 11.08 29.33
CA VAL A 163 7.43 10.06 29.33
C VAL A 163 8.80 10.71 29.43
N ASN A 164 9.74 10.03 30.05
CA ASN A 164 11.09 10.57 30.19
C ASN A 164 11.90 10.33 28.93
N PRO A 165 12.31 11.43 28.25
CA PRO A 165 13.08 11.42 27.01
C PRO A 165 14.37 10.58 27.07
N LYS A 166 14.94 10.47 28.26
CA LYS A 166 16.18 9.71 28.43
C LYS A 166 15.94 8.20 28.44
N THR A 167 15.12 7.73 29.39
CA THR A 167 14.82 6.31 29.52
C THR A 167 14.30 5.68 28.24
N HIS A 168 13.24 6.26 27.67
CA HIS A 168 12.65 5.74 26.44
C HIS A 168 12.60 6.82 25.38
N PRO A 169 13.74 7.06 24.72
CA PRO A 169 13.90 8.08 23.68
C PRO A 169 12.85 8.04 22.56
N LYS A 170 12.62 6.86 22.00
CA LYS A 170 11.66 6.69 20.91
C LYS A 170 10.23 6.98 21.34
N ILE A 171 9.78 6.31 22.40
CA ILE A 171 8.42 6.50 22.92
C ILE A 171 8.10 7.99 23.12
N SER A 172 9.06 8.74 23.66
CA SER A 172 8.86 10.16 23.90
C SER A 172 8.70 10.91 22.59
N THR A 173 9.62 10.65 21.65
CA THR A 173 9.58 11.30 20.34
C THR A 173 8.28 10.97 19.62
N GLY A 174 7.93 9.69 19.58
CA GLY A 174 6.71 9.27 18.91
C GLY A 174 5.47 9.94 19.46
N LEU A 175 5.46 10.25 20.75
CA LEU A 175 4.29 10.89 21.34
C LEU A 175 4.28 12.40 21.19
N LYS A 176 5.41 12.98 20.84
CA LYS A 176 5.48 14.43 20.70
C LYS A 176 5.56 14.93 19.26
N LYS A 177 6.11 14.13 18.35
CA LYS A 177 6.21 14.58 16.97
C LYS A 177 5.04 14.15 16.09
N ASN A 178 4.25 13.19 16.57
CA ASN A 178 3.11 12.70 15.81
C ASN A 178 1.85 13.56 15.91
N LYS A 179 0.81 13.15 15.20
CA LYS A 179 -0.46 13.89 15.15
C LYS A 179 -1.49 13.51 16.21
N PHE A 180 -1.29 12.39 16.89
CA PHE A 180 -2.22 11.89 17.89
C PHE A 180 -2.15 12.53 19.28
N GLY A 181 -3.13 12.17 20.09
CA GLY A 181 -3.22 12.61 21.48
C GLY A 181 -3.16 14.05 21.91
N LEU A 182 -3.57 14.26 23.16
CA LEU A 182 -3.58 15.57 23.78
C LEU A 182 -2.38 15.62 24.73
N ASP A 183 -1.45 16.54 24.47
CA ASP A 183 -0.26 16.66 25.30
C ASP A 183 -0.58 16.96 26.76
N VAL A 184 -0.05 16.12 27.65
CA VAL A 184 -0.27 16.25 29.08
C VAL A 184 0.51 17.41 29.68
N GLU A 185 1.83 17.38 29.51
CA GLU A 185 2.69 18.43 30.07
C GLU A 185 2.26 19.88 29.80
N SER A 186 1.84 20.16 28.58
CA SER A 186 1.41 21.52 28.21
C SER A 186 0.09 21.90 28.85
N GLY A 187 -0.57 20.90 29.44
CA GLY A 187 -1.84 21.14 30.10
C GLY A 187 -3.02 21.17 29.14
N ILE A 188 -2.87 20.54 27.98
CA ILE A 188 -3.94 20.50 26.99
C ILE A 188 -4.90 19.35 27.31
N ALA A 189 -4.34 18.24 27.76
CA ALA A 189 -5.16 17.08 28.13
C ALA A 189 -6.10 17.45 29.26
N MET A 190 -5.57 18.20 30.23
CA MET A 190 -6.35 18.64 31.38
C MET A 190 -7.39 19.63 30.89
N LYS A 191 -6.95 20.54 30.02
CA LYS A 191 -7.83 21.56 29.47
C LYS A 191 -9.03 20.91 28.77
N ALA A 192 -8.76 19.85 28.03
CA ALA A 192 -9.79 19.13 27.29
C ALA A 192 -10.78 18.44 28.24
N ILE A 193 -10.28 17.54 29.06
CA ILE A 193 -11.12 16.83 29.99
C ILE A 193 -11.97 17.80 30.81
N LYS A 194 -11.35 18.86 31.32
CA LYS A 194 -12.13 19.82 32.10
C LYS A 194 -13.18 20.48 31.21
N MET A 195 -12.85 20.69 29.94
CA MET A 195 -13.79 21.32 29.01
C MET A 195 -14.97 20.39 28.76
N ALA A 196 -14.70 19.09 28.74
CA ALA A 196 -15.74 18.09 28.52
C ALA A 196 -16.69 18.00 29.71
N LEU A 197 -16.13 18.04 30.92
CA LEU A 197 -16.95 17.98 32.12
C LEU A 197 -18.02 19.06 32.19
N GLU A 198 -17.79 20.17 31.51
CA GLU A 198 -18.76 21.26 31.51
C GLU A 198 -19.75 21.19 30.35
N MET A 199 -19.60 20.19 29.50
CA MET A 199 -20.50 20.03 28.37
C MET A 199 -21.66 19.13 28.78
N GLU A 200 -22.86 19.44 28.28
CA GLU A 200 -24.05 18.68 28.62
C GLU A 200 -24.33 17.44 27.79
N TYR A 201 -23.56 17.19 26.73
CA TYR A 201 -23.86 16.03 25.91
C TYR A 201 -22.74 15.00 25.77
N VAL A 202 -21.76 15.10 26.65
CA VAL A 202 -20.64 14.17 26.65
C VAL A 202 -20.50 13.59 28.05
N ASN A 203 -20.05 12.35 28.11
CA ASN A 203 -19.87 11.68 29.39
C ASN A 203 -18.46 11.15 29.46
N VAL A 204 -17.61 11.81 30.25
CA VAL A 204 -16.23 11.37 30.40
C VAL A 204 -16.22 10.00 31.05
N VAL A 205 -15.50 9.05 30.43
CA VAL A 205 -15.46 7.71 30.96
C VAL A 205 -14.06 7.14 31.15
N GLY A 206 -13.04 7.86 30.68
CA GLY A 206 -11.69 7.37 30.84
C GLY A 206 -10.62 8.09 30.04
N VAL A 207 -9.43 7.51 30.04
CA VAL A 207 -8.31 8.07 29.29
C VAL A 207 -7.70 6.97 28.46
N HIS A 208 -7.10 7.33 27.33
CA HIS A 208 -6.49 6.35 26.44
C HIS A 208 -5.10 6.79 26.03
N CYS A 209 -4.26 5.81 25.68
CA CYS A 209 -2.91 6.06 25.24
C CYS A 209 -2.39 4.86 24.46
N HIS A 210 -1.74 5.14 23.33
CA HIS A 210 -1.14 4.10 22.48
C HIS A 210 0.27 4.59 22.15
N ILE A 211 1.27 3.84 22.60
CA ILE A 211 2.69 4.19 22.43
C ILE A 211 3.46 3.66 21.23
N GLY A 212 2.91 2.69 20.52
CA GLY A 212 3.64 2.17 19.37
C GLY A 212 3.19 0.80 18.92
N SER A 213 4.01 0.17 18.09
CA SER A 213 3.68 -1.13 17.57
C SER A 213 4.93 -1.99 17.40
N GLN A 214 4.72 -3.30 17.45
CA GLN A 214 5.78 -4.29 17.35
C GLN A 214 6.87 -4.06 18.40
N LEU A 215 6.45 -3.66 19.60
CA LEU A 215 7.38 -3.45 20.70
C LEU A 215 7.60 -4.79 21.40
N THR A 216 8.85 -5.24 21.43
CA THR A 216 9.20 -6.50 22.07
C THR A 216 9.95 -6.30 23.39
N ASP A 217 9.48 -5.34 24.19
CA ASP A 217 10.08 -5.03 25.48
C ASP A 217 9.03 -4.42 26.40
N ILE A 218 8.92 -4.96 27.61
CA ILE A 218 7.94 -4.47 28.57
C ILE A 218 8.28 -3.10 29.17
N SER A 219 9.54 -2.71 29.05
CA SER A 219 9.98 -1.43 29.59
C SER A 219 9.08 -0.26 29.17
N PRO A 220 8.88 -0.08 27.85
CA PRO A 220 8.04 1.03 27.40
C PRO A 220 6.62 0.94 28.00
N PHE A 221 6.07 -0.27 28.03
CA PHE A 221 4.74 -0.49 28.59
C PHE A 221 4.68 -0.13 30.09
N ILE A 222 5.71 -0.49 30.83
CA ILE A 222 5.74 -0.16 32.24
C ILE A 222 5.71 1.36 32.35
N GLU A 223 6.60 2.01 31.61
CA GLU A 223 6.71 3.47 31.63
C GLU A 223 5.41 4.15 31.23
N GLU A 224 4.76 3.63 30.19
CA GLU A 224 3.51 4.19 29.70
C GLU A 224 2.49 4.15 30.81
N THR A 225 2.29 2.95 31.36
CA THR A 225 1.34 2.75 32.44
C THR A 225 1.58 3.72 33.58
N ARG A 226 2.83 3.84 34.00
CA ARG A 226 3.16 4.72 35.10
C ARG A 226 2.77 6.16 34.81
N LYS A 227 3.23 6.67 33.66
CA LYS A 227 2.93 8.04 33.28
C LYS A 227 1.44 8.28 33.08
N VAL A 228 0.73 7.29 32.56
CA VAL A 228 -0.70 7.45 32.36
C VAL A 228 -1.38 7.50 33.71
N MET A 229 -1.02 6.57 34.60
CA MET A 229 -1.58 6.52 35.94
C MET A 229 -1.25 7.79 36.73
N ASP A 230 -0.05 8.33 36.52
CA ASP A 230 0.34 9.57 37.19
C ASP A 230 -0.65 10.68 36.81
N PHE A 231 -1.12 10.67 35.57
CA PHE A 231 -2.06 11.68 35.11
C PHE A 231 -3.44 11.47 35.75
N VAL A 232 -3.77 10.21 36.03
CA VAL A 232 -5.05 9.87 36.64
C VAL A 232 -5.12 10.43 38.06
N VAL A 233 -4.01 10.38 38.79
CA VAL A 233 -4.00 10.91 40.17
C VAL A 233 -4.11 12.42 40.06
N GLU A 234 -3.43 12.98 39.05
CA GLU A 234 -3.47 14.42 38.83
C GLU A 234 -4.91 14.84 38.55
N LEU A 235 -5.69 13.95 37.91
CA LEU A 235 -7.09 14.25 37.62
C LEU A 235 -7.90 14.16 38.92
N LYS A 236 -7.62 13.15 39.72
CA LYS A 236 -8.32 12.95 40.99
C LYS A 236 -8.13 14.18 41.85
N GLU A 237 -6.90 14.70 41.89
CA GLU A 237 -6.58 15.89 42.65
C GLU A 237 -7.39 17.08 42.20
N GLU A 238 -7.98 17.00 41.01
CA GLU A 238 -8.81 18.10 40.49
C GLU A 238 -10.27 17.74 40.70
N GLY A 239 -10.50 16.55 41.25
CA GLY A 239 -11.87 16.11 41.48
C GLY A 239 -12.47 15.44 40.26
N ILE A 240 -11.63 14.69 39.54
CA ILE A 240 -12.05 13.99 38.33
C ILE A 240 -11.70 12.51 38.41
N GLU A 241 -12.73 11.68 38.37
CA GLU A 241 -12.58 10.23 38.44
C GLU A 241 -12.52 9.62 37.05
N ILE A 242 -11.71 8.58 36.89
CA ILE A 242 -11.56 7.90 35.60
C ILE A 242 -12.15 6.50 35.68
N GLU A 243 -13.14 6.22 34.84
CA GLU A 243 -13.79 4.90 34.84
C GLU A 243 -12.97 3.85 34.09
N ASP A 244 -12.40 4.24 32.95
CA ASP A 244 -11.61 3.30 32.15
C ASP A 244 -10.18 3.80 31.87
N VAL A 245 -9.25 2.85 31.73
CA VAL A 245 -7.88 3.19 31.40
C VAL A 245 -7.46 2.31 30.23
N ASN A 246 -7.40 2.91 29.04
CA ASN A 246 -7.02 2.19 27.81
C ASN A 246 -5.55 2.43 27.49
N LEU A 247 -4.76 1.37 27.50
CA LEU A 247 -3.33 1.51 27.23
C LEU A 247 -2.95 1.15 25.79
N GLY A 248 -3.96 1.02 24.94
CA GLY A 248 -3.73 0.69 23.54
C GLY A 248 -3.14 -0.68 23.31
N GLY A 249 -2.45 -0.82 22.19
CA GLY A 249 -1.84 -2.09 21.88
C GLY A 249 -0.39 -1.92 21.55
N GLY A 250 0.12 -2.75 20.65
CA GLY A 250 1.50 -2.64 20.24
C GLY A 250 2.46 -3.68 20.79
N LEU A 251 1.97 -4.86 21.15
CA LEU A 251 2.84 -5.90 21.65
C LEU A 251 3.42 -6.69 20.46
N GLY A 252 4.75 -6.73 20.38
CA GLY A 252 5.42 -7.42 19.30
C GLY A 252 5.04 -8.88 19.10
N ILE A 253 5.33 -9.38 17.90
CA ILE A 253 5.05 -10.75 17.48
C ILE A 253 6.34 -11.47 17.10
N PRO A 254 6.38 -12.79 17.28
CA PRO A 254 7.53 -13.65 16.97
C PRO A 254 7.89 -13.78 15.49
N TYR A 255 8.13 -12.66 14.81
CA TYR A 255 8.48 -12.74 13.38
C TYR A 255 9.77 -13.52 13.24
N TYR A 256 10.76 -13.18 14.06
CA TYR A 256 12.05 -13.88 14.06
C TYR A 256 11.87 -15.07 15.01
N LYS A 257 12.08 -16.27 14.47
CA LYS A 257 11.91 -17.50 15.25
C LYS A 257 13.14 -17.96 16.02
N ASP A 258 14.21 -17.18 15.99
CA ASP A 258 15.42 -17.56 16.68
C ASP A 258 15.50 -17.01 18.10
N LYS A 259 14.87 -15.86 18.32
CA LYS A 259 14.88 -15.20 19.62
C LYS A 259 13.51 -15.16 20.29
N GLN A 260 13.52 -15.23 21.61
CA GLN A 260 12.29 -15.19 22.40
C GLN A 260 11.96 -13.77 22.83
N ILE A 261 10.69 -13.43 22.74
CA ILE A 261 10.23 -12.10 23.10
C ILE A 261 9.16 -12.19 24.16
N PRO A 262 8.83 -11.04 24.78
CA PRO A 262 7.81 -10.96 25.83
C PRO A 262 6.46 -11.52 25.40
N THR A 263 5.77 -12.17 26.33
CA THR A 263 4.45 -12.77 26.08
C THR A 263 3.34 -11.92 26.69
N GLN A 264 2.09 -12.35 26.52
CA GLN A 264 0.98 -11.61 27.08
C GLN A 264 1.10 -11.61 28.60
N LYS A 265 1.62 -12.72 29.14
CA LYS A 265 1.82 -12.87 30.58
C LYS A 265 2.77 -11.80 31.08
N ASP A 266 3.95 -11.72 30.47
CA ASP A 266 4.94 -10.73 30.86
C ASP A 266 4.35 -9.31 30.82
N LEU A 267 3.55 -9.05 29.80
CA LEU A 267 2.92 -7.73 29.64
C LEU A 267 1.88 -7.49 30.74
N ALA A 268 1.17 -8.55 31.10
CA ALA A 268 0.15 -8.45 32.14
C ALA A 268 0.77 -8.10 33.49
N ASP A 269 1.80 -8.85 33.87
CA ASP A 269 2.46 -8.61 35.13
C ASP A 269 2.99 -7.19 35.20
N ALA A 270 3.66 -6.76 34.13
CA ALA A 270 4.21 -5.42 34.08
C ALA A 270 3.16 -4.33 34.28
N ILE A 271 2.05 -4.44 33.54
CA ILE A 271 0.98 -3.45 33.66
C ILE A 271 0.25 -3.54 34.98
N ILE A 272 -0.29 -4.73 35.26
CA ILE A 272 -1.05 -4.98 36.48
C ILE A 272 -0.31 -4.48 37.73
N ASN A 273 0.93 -4.89 37.90
CA ASN A 273 1.71 -4.46 39.06
C ASN A 273 1.84 -2.93 39.06
N THR A 274 2.20 -2.34 37.93
CA THR A 274 2.36 -0.89 37.86
C THR A 274 1.07 -0.18 38.25
N MET A 275 -0.04 -0.69 37.72
CA MET A 275 -1.37 -0.15 37.99
C MET A 275 -1.66 -0.18 39.49
N LEU A 276 -1.51 -1.37 40.08
CA LEU A 276 -1.77 -1.58 41.49
C LEU A 276 -1.06 -0.59 42.43
N LYS A 277 0.15 -0.16 42.05
CA LYS A 277 0.89 0.78 42.87
C LYS A 277 0.12 2.09 43.07
N TYR A 278 -1.07 2.19 42.50
CA TYR A 278 -1.88 3.39 42.65
C TYR A 278 -3.22 3.02 43.29
N LYS A 279 -3.27 1.79 43.81
CA LYS A 279 -4.48 1.28 44.45
C LYS A 279 -5.01 2.25 45.49
N ASP A 280 -4.13 3.08 46.04
CA ASP A 280 -4.52 4.03 47.07
C ASP A 280 -4.98 5.38 46.57
N LYS A 281 -4.12 6.05 45.81
CA LYS A 281 -4.42 7.37 45.27
C LYS A 281 -5.75 7.46 44.52
N VAL A 282 -6.01 6.49 43.65
CA VAL A 282 -7.25 6.48 42.86
C VAL A 282 -7.91 5.11 42.77
N GLU A 283 -9.22 5.11 42.56
CA GLU A 283 -10.00 3.89 42.43
C GLU A 283 -9.52 3.10 41.21
N MET A 284 -9.31 1.81 41.37
CA MET A 284 -8.86 0.98 40.26
C MET A 284 -9.94 0.87 39.18
N PRO A 285 -9.73 1.51 38.03
CA PRO A 285 -10.67 1.50 36.91
C PRO A 285 -10.60 0.27 36.02
N ASN A 286 -11.54 0.20 35.07
CA ASN A 286 -11.56 -0.89 34.11
C ASN A 286 -10.30 -0.72 33.28
N LEU A 287 -9.70 -1.85 32.88
CA LEU A 287 -8.49 -1.83 32.08
C LEU A 287 -8.81 -2.29 30.65
N ILE A 288 -8.35 -1.52 29.67
CA ILE A 288 -8.58 -1.87 28.27
C ILE A 288 -7.28 -1.81 27.44
N LEU A 289 -7.10 -2.82 26.60
CA LEU A 289 -5.96 -2.92 25.70
C LEU A 289 -6.50 -3.06 24.27
N GLU A 290 -5.76 -2.56 23.29
CA GLU A 290 -6.20 -2.63 21.90
C GLU A 290 -5.22 -3.42 21.04
N PRO A 291 -5.07 -4.73 21.31
CA PRO A 291 -4.16 -5.59 20.55
C PRO A 291 -4.61 -5.81 19.12
N GLY A 292 -3.67 -5.82 18.19
CA GLY A 292 -4.00 -6.06 16.80
C GLY A 292 -3.14 -7.20 16.28
N ARG A 293 -1.87 -6.90 16.04
CA ARG A 293 -0.92 -7.87 15.55
C ARG A 293 -0.80 -9.05 16.51
N SER A 294 -0.86 -8.77 17.82
CA SER A 294 -0.74 -9.83 18.83
C SER A 294 -1.99 -10.69 18.99
N LEU A 295 -2.89 -10.64 18.02
CA LEU A 295 -4.09 -11.44 18.05
C LEU A 295 -4.30 -12.23 16.78
N VAL A 296 -3.97 -11.65 15.62
CA VAL A 296 -4.18 -12.34 14.36
C VAL A 296 -2.93 -12.62 13.52
N ALA A 297 -1.85 -11.88 13.78
CA ALA A 297 -0.61 -12.04 13.04
C ALA A 297 -0.13 -13.47 12.84
N THR A 298 0.06 -14.20 13.94
CA THR A 298 0.56 -15.57 13.88
C THR A 298 -0.43 -16.58 13.34
N ALA A 299 -1.66 -16.15 13.07
CA ALA A 299 -2.68 -17.08 12.56
C ALA A 299 -2.75 -17.09 11.04
N GLY A 300 -2.03 -16.20 10.40
CA GLY A 300 -2.09 -16.17 8.95
C GLY A 300 -0.86 -16.62 8.19
N TYR A 301 -1.10 -17.38 7.13
CA TYR A 301 -0.03 -17.86 6.28
C TYR A 301 -0.43 -17.53 4.84
N LEU A 302 0.54 -17.14 4.02
CA LEU A 302 0.25 -16.81 2.63
C LEU A 302 0.94 -17.84 1.76
N LEU A 303 0.15 -18.55 0.95
CA LEU A 303 0.73 -19.55 0.09
C LEU A 303 0.87 -19.02 -1.33
N GLY A 304 2.01 -19.32 -1.95
CA GLY A 304 2.26 -18.86 -3.30
C GLY A 304 3.03 -19.88 -4.12
N LYS A 305 2.49 -20.26 -5.28
CA LYS A 305 3.15 -21.23 -6.14
C LYS A 305 4.32 -20.61 -6.89
N VAL A 306 5.39 -21.38 -7.03
CA VAL A 306 6.57 -20.89 -7.75
C VAL A 306 6.40 -21.21 -9.23
N HIS A 307 6.45 -20.20 -10.07
CA HIS A 307 6.27 -20.42 -11.50
C HIS A 307 7.58 -20.38 -12.28
N HIS A 308 8.62 -19.83 -11.66
CA HIS A 308 9.91 -19.71 -12.32
C HIS A 308 11.07 -19.75 -11.37
N ILE A 309 12.19 -20.23 -11.88
CA ILE A 309 13.44 -20.29 -11.13
C ILE A 309 14.44 -19.59 -12.01
N LYS A 310 14.90 -18.42 -11.58
CA LYS A 310 15.85 -17.65 -12.35
C LYS A 310 17.18 -17.59 -11.64
N GLU A 311 18.22 -18.05 -12.33
CA GLU A 311 19.55 -18.03 -11.74
C GLU A 311 20.36 -16.85 -12.26
N THR A 312 20.96 -16.10 -11.35
CA THR A 312 21.77 -14.96 -11.74
C THR A 312 23.16 -15.19 -11.16
N PRO A 313 24.16 -14.45 -11.64
CA PRO A 313 25.53 -14.61 -11.15
C PRO A 313 25.73 -14.33 -9.65
N VAL A 314 24.76 -13.68 -9.01
CA VAL A 314 24.90 -13.37 -7.60
C VAL A 314 23.73 -13.85 -6.75
N THR A 315 22.62 -14.22 -7.40
CA THR A 315 21.45 -14.67 -6.66
C THR A 315 20.63 -15.70 -7.41
N LYS A 316 19.95 -16.56 -6.67
CA LYS A 316 19.07 -17.56 -7.28
C LYS A 316 17.65 -17.14 -6.93
N TRP A 317 16.92 -16.64 -7.93
CA TRP A 317 15.56 -16.17 -7.71
C TRP A 317 14.44 -17.17 -7.89
N VAL A 318 13.52 -17.15 -6.93
CA VAL A 318 12.35 -18.02 -6.94
C VAL A 318 11.17 -17.09 -7.13
N MET A 319 10.48 -17.25 -8.25
CA MET A 319 9.34 -16.39 -8.56
C MET A 319 8.02 -17.08 -8.18
N ILE A 320 7.18 -16.36 -7.45
CA ILE A 320 5.90 -16.92 -7.02
C ILE A 320 4.73 -16.01 -7.40
N ASP A 321 3.56 -16.61 -7.58
CA ASP A 321 2.36 -15.89 -7.95
C ASP A 321 1.83 -14.97 -6.83
N ALA A 322 2.59 -14.83 -5.76
CA ALA A 322 2.18 -13.96 -4.67
C ALA A 322 3.04 -12.73 -4.83
N GLY A 323 2.46 -11.56 -4.58
CA GLY A 323 3.23 -10.34 -4.73
C GLY A 323 2.98 -9.37 -3.60
N MET A 324 3.62 -8.21 -3.69
CA MET A 324 3.49 -7.19 -2.68
C MET A 324 2.07 -6.64 -2.59
N ASN A 325 1.30 -6.71 -3.67
CA ASN A 325 -0.07 -6.19 -3.61
C ASN A 325 -0.88 -7.05 -2.66
N ASP A 326 -0.57 -8.34 -2.63
CA ASP A 326 -1.27 -9.27 -1.74
C ASP A 326 -0.86 -9.08 -0.29
N MET A 327 0.43 -8.86 -0.07
CA MET A 327 0.97 -8.68 1.28
C MET A 327 2.09 -7.64 1.17
N MET A 328 1.80 -6.43 1.63
CA MET A 328 2.72 -5.29 1.55
C MET A 328 3.87 -5.16 2.55
N ARG A 329 3.78 -5.84 3.68
CA ARG A 329 4.79 -5.71 4.71
C ARG A 329 6.29 -5.76 4.26
N PRO A 330 6.72 -6.82 3.58
CA PRO A 330 8.13 -6.89 3.14
C PRO A 330 8.59 -5.69 2.32
N ALA A 331 7.90 -5.42 1.22
CA ALA A 331 8.26 -4.31 0.34
C ALA A 331 8.17 -2.93 0.96
N MET A 332 7.23 -2.74 1.88
CA MET A 332 7.04 -1.44 2.52
C MET A 332 8.00 -1.08 3.64
N TYR A 333 8.36 -2.07 4.46
CA TYR A 333 9.23 -1.83 5.61
C TYR A 333 10.50 -2.66 5.59
N GLU A 334 10.63 -3.56 4.61
CA GLU A 334 11.77 -4.45 4.51
C GLU A 334 11.75 -5.35 5.73
N ALA A 335 10.55 -5.53 6.29
CA ALA A 335 10.36 -6.34 7.48
C ALA A 335 10.55 -7.82 7.21
N TYR A 336 10.90 -8.57 8.25
CA TYR A 336 11.14 -10.00 8.09
C TYR A 336 9.92 -10.90 8.25
N HIS A 337 9.87 -11.93 7.43
CA HIS A 337 8.79 -12.91 7.47
C HIS A 337 9.41 -14.26 7.23
N HIS A 338 9.12 -15.22 8.09
CA HIS A 338 9.69 -16.54 7.90
C HIS A 338 9.10 -17.16 6.63
N ILE A 339 9.95 -17.82 5.84
CA ILE A 339 9.49 -18.42 4.60
C ILE A 339 10.01 -19.84 4.44
N ILE A 340 9.14 -20.77 4.03
CA ILE A 340 9.56 -22.15 3.85
C ILE A 340 8.88 -22.80 2.64
N ASN A 341 9.35 -23.99 2.29
CA ASN A 341 8.79 -24.76 1.19
C ASN A 341 7.85 -25.77 1.84
N CYS A 342 6.60 -25.79 1.39
CA CYS A 342 5.61 -26.70 1.95
C CYS A 342 6.00 -28.18 1.78
N LYS A 343 7.10 -28.41 1.08
CA LYS A 343 7.58 -29.77 0.83
C LYS A 343 9.02 -29.88 1.33
N VAL A 344 9.29 -30.89 2.16
CA VAL A 344 10.63 -31.09 2.69
C VAL A 344 11.48 -31.92 1.75
N LYS A 345 12.55 -31.32 1.25
CA LYS A 345 13.46 -31.98 0.32
C LYS A 345 14.71 -32.40 1.09
N ASN A 346 15.43 -33.40 0.57
CA ASN A 346 16.64 -33.88 1.24
C ASN A 346 17.82 -33.02 0.80
N GLU A 347 17.60 -31.71 0.73
CA GLU A 347 18.62 -30.78 0.31
C GLU A 347 18.22 -29.32 0.55
N LYS A 348 19.15 -28.53 1.06
CA LYS A 348 18.91 -27.12 1.35
C LYS A 348 19.49 -26.26 0.23
N GLU A 349 19.06 -25.00 0.16
CA GLU A 349 19.54 -24.08 -0.87
C GLU A 349 19.16 -22.64 -0.56
N VAL A 350 20.13 -21.74 -0.67
CA VAL A 350 19.87 -20.34 -0.39
C VAL A 350 19.37 -19.63 -1.62
N VAL A 351 18.20 -19.02 -1.50
CA VAL A 351 17.60 -18.32 -2.62
C VAL A 351 16.86 -17.07 -2.17
N SER A 352 16.35 -16.33 -3.15
CA SER A 352 15.58 -15.13 -2.89
C SER A 352 14.20 -15.31 -3.48
N ILE A 353 13.18 -14.97 -2.69
CA ILE A 353 11.80 -15.10 -3.11
C ILE A 353 11.19 -13.75 -3.45
N ALA A 354 10.71 -13.60 -4.68
CA ALA A 354 10.12 -12.35 -5.14
C ALA A 354 8.78 -12.58 -5.80
N GLY A 355 7.99 -11.51 -5.90
CA GLY A 355 6.69 -11.60 -6.54
C GLY A 355 6.78 -11.28 -8.02
N GLY A 356 5.63 -11.10 -8.66
CA GLY A 356 5.62 -10.81 -10.09
C GLY A 356 5.36 -9.35 -10.45
N LEU A 357 5.39 -8.46 -9.46
CA LEU A 357 5.14 -7.05 -9.74
C LEU A 357 6.38 -6.35 -10.26
N CYS A 358 6.17 -5.42 -11.20
CA CYS A 358 7.27 -4.67 -11.78
C CYS A 358 7.74 -3.56 -10.88
N GLU A 359 8.13 -3.95 -9.68
CA GLU A 359 8.60 -3.03 -8.66
C GLU A 359 9.78 -3.72 -8.00
N SER A 360 10.92 -3.06 -7.97
CA SER A 360 12.11 -3.65 -7.37
C SER A 360 11.94 -4.09 -5.92
N SER A 361 11.16 -3.32 -5.15
CA SER A 361 10.95 -3.66 -3.75
C SER A 361 10.03 -4.88 -3.53
N ASP A 362 9.45 -5.40 -4.61
CA ASP A 362 8.55 -6.55 -4.50
C ASP A 362 9.32 -7.84 -4.26
N VAL A 363 9.88 -7.94 -3.05
CA VAL A 363 10.65 -9.11 -2.64
C VAL A 363 10.21 -9.54 -1.25
N PHE A 364 9.93 -10.83 -1.10
CA PHE A 364 9.48 -11.38 0.18
C PHE A 364 10.62 -11.72 1.13
N GLY A 365 11.74 -12.19 0.58
CA GLY A 365 12.87 -12.54 1.42
C GLY A 365 14.14 -12.71 0.61
N ARG A 366 15.28 -12.39 1.22
CA ARG A 366 16.55 -12.52 0.52
C ARG A 366 17.47 -13.48 1.23
N ASP A 367 18.28 -14.19 0.46
CA ASP A 367 19.25 -15.13 1.01
C ASP A 367 18.65 -16.06 2.04
N ARG A 368 17.43 -16.53 1.78
CA ARG A 368 16.77 -17.44 2.69
C ARG A 368 17.13 -18.85 2.30
N GLU A 369 17.43 -19.69 3.28
CA GLU A 369 17.76 -21.07 2.98
C GLU A 369 16.48 -21.88 3.12
N LEU A 370 16.10 -22.56 2.04
CA LEU A 370 14.90 -23.38 2.04
C LEU A 370 15.22 -24.73 1.42
N ASP A 371 14.28 -25.67 1.52
CA ASP A 371 14.47 -27.00 0.92
C ASP A 371 14.43 -26.78 -0.59
N LYS A 372 15.30 -27.45 -1.35
CA LYS A 372 15.34 -27.27 -2.80
C LYS A 372 14.01 -26.85 -3.40
N VAL A 373 13.97 -25.63 -3.91
CA VAL A 373 12.76 -25.12 -4.52
C VAL A 373 12.68 -25.67 -5.93
N GLU A 374 11.49 -26.08 -6.33
CA GLU A 374 11.31 -26.63 -7.65
C GLU A 374 10.08 -25.99 -8.26
N VAL A 375 10.07 -25.82 -9.58
CA VAL A 375 8.91 -25.21 -10.23
C VAL A 375 7.69 -26.04 -9.85
N GLY A 376 6.65 -25.36 -9.39
CA GLY A 376 5.44 -26.06 -8.99
C GLY A 376 5.27 -26.11 -7.47
N ASP A 377 6.38 -26.01 -6.75
CA ASP A 377 6.32 -26.06 -5.30
C ASP A 377 5.53 -24.89 -4.75
N VAL A 378 5.02 -25.06 -3.53
CA VAL A 378 4.26 -24.01 -2.90
C VAL A 378 5.02 -23.52 -1.69
N LEU A 379 5.41 -22.26 -1.71
CA LEU A 379 6.13 -21.72 -0.58
C LEU A 379 5.10 -21.14 0.38
N ALA A 380 5.47 -20.97 1.65
CA ALA A 380 4.55 -20.42 2.63
C ALA A 380 5.22 -19.33 3.43
N ILE A 381 4.56 -18.18 3.54
CA ILE A 381 5.13 -17.11 4.32
C ILE A 381 4.33 -16.96 5.62
N PHE A 382 5.05 -16.94 6.73
CA PHE A 382 4.46 -16.86 8.06
C PHE A 382 4.05 -15.48 8.56
N ASP A 383 3.14 -15.50 9.53
CA ASP A 383 2.69 -14.30 10.20
C ASP A 383 2.18 -13.18 9.31
N VAL A 384 1.19 -13.50 8.49
CA VAL A 384 0.64 -12.49 7.61
C VAL A 384 -0.80 -12.15 8.01
N GLY A 385 -1.22 -12.68 9.16
CA GLY A 385 -2.57 -12.46 9.63
C GLY A 385 -2.87 -11.00 9.98
N ALA A 386 -1.84 -10.27 10.35
CA ALA A 386 -2.04 -8.89 10.71
C ALA A 386 -1.38 -8.00 9.68
N TYR A 387 -2.10 -6.97 9.26
CA TYR A 387 -1.55 -6.05 8.29
C TYR A 387 -1.10 -6.77 7.02
N GLY A 388 -1.87 -7.76 6.59
CA GLY A 388 -1.57 -8.48 5.37
C GLY A 388 -2.64 -8.14 4.36
N ILE A 389 -3.82 -8.71 4.51
CA ILE A 389 -4.92 -8.43 3.60
C ILE A 389 -5.48 -7.03 3.85
N SER A 390 -5.33 -6.54 5.08
CA SER A 390 -5.85 -5.22 5.42
C SER A 390 -5.10 -4.11 4.69
N MET A 391 -3.95 -4.43 4.11
CA MET A 391 -3.20 -3.41 3.37
C MET A 391 -2.99 -3.83 1.91
N ALA A 392 -3.68 -4.90 1.51
CA ALA A 392 -3.58 -5.41 0.15
C ALA A 392 -4.25 -4.46 -0.84
N ASN A 393 -3.79 -4.50 -2.09
CA ASN A 393 -4.33 -3.63 -3.12
C ASN A 393 -4.26 -4.26 -4.52
N ASN A 394 -4.53 -3.45 -5.55
CA ASN A 394 -4.52 -3.90 -6.93
C ASN A 394 -3.36 -3.36 -7.76
N TYR A 395 -2.29 -2.98 -7.09
CA TYR A 395 -1.13 -2.45 -7.78
C TYR A 395 -0.74 -3.42 -8.89
N ASN A 396 -0.34 -2.86 -10.02
CA ASN A 396 0.02 -3.64 -11.23
C ASN A 396 -1.23 -4.36 -11.72
N ALA A 397 -2.40 -3.74 -11.52
CA ALA A 397 -3.68 -4.34 -11.92
C ALA A 397 -3.77 -5.83 -11.57
N ARG A 398 -3.63 -6.14 -10.29
CA ARG A 398 -3.73 -7.50 -9.78
C ARG A 398 -4.83 -7.55 -8.73
N GLY A 399 -5.70 -8.56 -8.81
CA GLY A 399 -6.78 -8.67 -7.85
C GLY A 399 -6.29 -9.12 -6.50
N ARG A 400 -7.03 -8.82 -5.44
CA ARG A 400 -6.64 -9.26 -4.12
C ARG A 400 -6.89 -10.75 -4.00
N PRO A 401 -6.01 -11.46 -3.29
CA PRO A 401 -6.07 -12.91 -3.07
C PRO A 401 -7.27 -13.47 -2.31
N ARG A 402 -7.45 -14.78 -2.46
CA ARG A 402 -8.50 -15.52 -1.79
C ARG A 402 -8.05 -15.76 -0.36
N MET A 403 -9.02 -16.00 0.53
CA MET A 403 -8.73 -16.28 1.93
C MET A 403 -9.59 -17.41 2.44
N VAL A 404 -8.94 -18.38 3.10
CA VAL A 404 -9.64 -19.51 3.68
C VAL A 404 -9.37 -19.56 5.18
N LEU A 405 -10.34 -20.09 5.93
CA LEU A 405 -10.23 -20.22 7.38
C LEU A 405 -10.19 -21.70 7.70
N THR A 406 -9.13 -22.14 8.37
CA THR A 406 -9.02 -23.55 8.75
C THR A 406 -9.50 -23.68 10.21
N SER A 407 -10.54 -24.47 10.44
CA SER A 407 -11.07 -24.72 11.79
C SER A 407 -11.38 -26.20 11.94
N LYS A 408 -11.76 -26.62 13.14
CA LYS A 408 -12.07 -28.02 13.37
C LYS A 408 -13.32 -28.35 12.54
N LYS A 409 -14.08 -27.32 12.20
CA LYS A 409 -15.29 -27.50 11.41
C LYS A 409 -14.94 -27.82 9.96
N GLY A 410 -13.74 -27.41 9.56
CA GLY A 410 -13.29 -27.65 8.19
C GLY A 410 -12.64 -26.40 7.63
N VAL A 411 -12.39 -26.40 6.33
CA VAL A 411 -11.78 -25.25 5.66
C VAL A 411 -12.87 -24.48 4.90
N PHE A 412 -12.95 -23.18 5.13
CA PHE A 412 -13.96 -22.36 4.47
C PHE A 412 -13.39 -21.14 3.76
N LEU A 413 -13.92 -20.83 2.60
CA LEU A 413 -13.46 -19.66 1.86
C LEU A 413 -14.11 -18.45 2.52
N ILE A 414 -13.31 -17.66 3.22
CA ILE A 414 -13.82 -16.48 3.91
C ILE A 414 -13.62 -15.20 3.10
N ARG A 415 -12.92 -15.30 1.97
CA ARG A 415 -12.73 -14.16 1.09
C ARG A 415 -12.55 -14.65 -0.34
N GLU A 416 -13.38 -14.16 -1.25
CA GLU A 416 -13.29 -14.57 -2.65
C GLU A 416 -12.29 -13.68 -3.39
N ARG A 417 -11.56 -14.25 -4.36
CA ARG A 417 -10.60 -13.45 -5.11
C ARG A 417 -11.29 -12.56 -6.12
N GLU A 418 -10.60 -11.50 -6.53
CA GLU A 418 -11.14 -10.56 -7.50
C GLU A 418 -10.75 -10.93 -8.93
N THR A 419 -11.71 -10.81 -9.83
CA THR A 419 -11.48 -11.12 -11.24
C THR A 419 -11.06 -9.84 -11.96
N TYR A 420 -10.73 -9.96 -13.24
CA TYR A 420 -10.35 -8.80 -14.04
C TYR A 420 -11.51 -7.81 -14.10
N ALA A 421 -12.73 -8.33 -14.07
CA ALA A 421 -13.91 -7.48 -14.11
C ALA A 421 -13.99 -6.60 -12.86
N ASP A 422 -13.58 -7.15 -11.72
CA ASP A 422 -13.59 -6.41 -10.47
C ASP A 422 -12.63 -5.22 -10.56
N LEU A 423 -11.44 -5.47 -11.08
CA LEU A 423 -10.45 -4.42 -11.21
C LEU A 423 -11.04 -3.14 -11.80
N ILE A 424 -12.02 -3.27 -12.70
CA ILE A 424 -12.63 -2.09 -13.33
C ILE A 424 -14.08 -1.82 -12.95
N ALA A 425 -14.55 -2.56 -11.95
CA ALA A 425 -15.92 -2.45 -11.48
C ALA A 425 -16.29 -1.07 -10.95
N LYS A 426 -15.31 -0.22 -10.69
CA LYS A 426 -15.58 1.12 -10.18
C LYS A 426 -15.22 2.22 -11.19
N ASP A 427 -14.66 1.81 -12.32
CA ASP A 427 -14.26 2.75 -13.36
C ASP A 427 -15.43 3.08 -14.30
N ILE A 428 -15.47 4.31 -14.78
CA ILE A 428 -16.52 4.76 -15.70
C ILE A 428 -15.91 5.57 -16.83
N VAL A 429 -16.25 5.21 -18.07
CA VAL A 429 -15.71 5.92 -19.22
C VAL A 429 -16.64 7.05 -19.64
N PRO A 430 -16.15 8.30 -19.63
CA PRO A 430 -16.99 9.44 -20.02
C PRO A 430 -17.48 9.25 -21.45
N PRO A 431 -18.59 9.90 -21.83
CA PRO A 431 -19.20 9.82 -23.16
C PRO A 431 -18.24 10.05 -24.33
N HIS A 432 -17.49 11.15 -24.29
CA HIS A 432 -16.56 11.44 -25.38
C HIS A 432 -15.36 10.49 -25.46
N LEU A 433 -15.31 9.52 -24.56
CA LEU A 433 -14.21 8.56 -24.55
C LEU A 433 -14.71 7.15 -24.87
N LEU A 434 -16.00 7.04 -25.11
CA LEU A 434 -16.58 5.77 -25.48
C LEU A 434 -16.17 5.48 -26.91
N PHE B 1 3.62 24.54 -9.53
CA PHE B 1 3.52 25.40 -10.75
C PHE B 1 4.25 24.80 -11.96
N LEU B 2 5.45 24.24 -11.74
CA LEU B 2 6.20 23.64 -12.83
C LEU B 2 5.56 22.28 -13.16
N GLY B 3 5.27 22.06 -14.44
CA GLY B 3 4.66 20.80 -14.88
C GLY B 3 3.15 20.80 -14.84
N ASN B 4 2.58 21.69 -14.04
CA ASN B 4 1.15 21.82 -13.88
C ASN B 4 0.72 22.97 -14.77
N ASP B 5 0.54 22.63 -16.04
CA ASP B 5 0.19 23.58 -17.09
C ASP B 5 -1.29 23.89 -17.25
N THR B 6 -2.18 23.17 -16.58
CA THR B 6 -3.58 23.45 -16.75
C THR B 6 -4.31 23.97 -15.52
N VAL B 7 -3.55 24.43 -14.53
CA VAL B 7 -4.15 24.95 -13.32
C VAL B 7 -3.75 26.41 -13.10
N GLU B 8 -4.58 27.15 -12.38
CA GLU B 8 -4.29 28.56 -12.12
C GLU B 8 -5.05 29.06 -10.90
N ILE B 9 -4.68 30.24 -10.43
CA ILE B 9 -5.34 30.86 -9.29
C ILE B 9 -6.00 32.13 -9.79
N LYS B 10 -7.31 32.09 -9.98
CA LYS B 10 -8.03 33.26 -10.48
C LYS B 10 -8.42 34.25 -9.40
N ASP B 11 -9.66 34.17 -8.95
CA ASP B 11 -10.15 35.10 -7.94
C ASP B 11 -9.89 34.58 -6.53
N GLY B 12 -8.61 34.44 -6.19
CA GLY B 12 -8.26 33.94 -4.88
C GLY B 12 -8.76 32.53 -4.72
N ARG B 13 -8.90 31.83 -5.84
CA ARG B 13 -9.37 30.45 -5.85
C ARG B 13 -8.54 29.61 -6.82
N PHE B 14 -8.33 28.34 -6.46
CA PHE B 14 -7.56 27.42 -7.28
C PHE B 14 -8.47 26.77 -8.32
N PHE B 15 -8.00 26.73 -9.57
CA PHE B 15 -8.76 26.15 -10.69
C PHE B 15 -7.98 25.08 -11.45
N ILE B 16 -8.66 23.98 -11.81
CA ILE B 16 -8.03 22.91 -12.58
C ILE B 16 -8.80 22.86 -13.93
N ASP B 17 -8.11 23.15 -15.03
CA ASP B 17 -8.72 23.18 -16.36
C ASP B 17 -9.89 24.17 -16.41
N GLY B 18 -9.80 25.24 -15.63
CA GLY B 18 -10.85 26.24 -15.61
C GLY B 18 -11.98 25.89 -14.67
N TYR B 19 -11.86 24.77 -13.96
CA TYR B 19 -12.88 24.35 -13.02
C TYR B 19 -12.50 24.71 -11.60
N ASP B 20 -13.46 25.31 -10.89
CA ASP B 20 -13.25 25.72 -9.49
C ASP B 20 -13.07 24.48 -8.64
N ALA B 21 -11.86 24.31 -8.12
CA ALA B 21 -11.49 23.17 -7.28
C ALA B 21 -12.41 22.97 -6.08
N ILE B 22 -12.72 24.06 -5.39
CA ILE B 22 -13.58 23.99 -4.23
C ILE B 22 -14.97 23.51 -4.64
N GLU B 23 -15.47 24.01 -5.76
CA GLU B 23 -16.78 23.60 -6.25
C GLU B 23 -16.80 22.13 -6.64
N LEU B 24 -15.70 21.62 -7.21
CA LEU B 24 -15.63 20.21 -7.57
C LEU B 24 -15.76 19.41 -6.29
N ALA B 25 -15.05 19.85 -5.26
CA ALA B 25 -15.10 19.19 -3.96
C ALA B 25 -16.54 19.23 -3.40
N GLU B 26 -17.22 20.36 -3.52
CA GLU B 26 -18.59 20.47 -3.03
C GLU B 26 -19.54 19.56 -3.80
N LYS B 27 -19.34 19.49 -5.12
CA LYS B 27 -20.20 18.69 -5.97
C LYS B 27 -19.98 17.19 -5.88
N PHE B 28 -18.74 16.75 -6.02
CA PHE B 28 -18.43 15.33 -5.99
C PHE B 28 -18.02 14.79 -4.62
N GLY B 29 -17.77 15.70 -3.69
CA GLY B 29 -17.37 15.29 -2.35
C GLY B 29 -15.89 15.04 -2.22
N THR B 30 -15.43 14.78 -1.00
CA THR B 30 -14.03 14.51 -0.75
C THR B 30 -13.89 13.27 0.13
N PRO B 31 -12.75 12.58 0.06
CA PRO B 31 -11.59 12.87 -0.78
C PRO B 31 -11.93 12.71 -2.27
N LEU B 32 -11.24 13.48 -3.12
CA LEU B 32 -11.48 13.45 -4.55
C LEU B 32 -10.24 13.62 -5.42
N TYR B 33 -10.06 12.66 -6.32
CA TYR B 33 -8.97 12.66 -7.29
C TYR B 33 -9.51 13.45 -8.49
N VAL B 34 -8.72 14.39 -8.99
CA VAL B 34 -9.13 15.17 -10.15
C VAL B 34 -8.05 14.99 -11.20
N MET B 35 -8.42 14.41 -12.33
CA MET B 35 -7.48 14.17 -13.43
C MET B 35 -7.73 15.19 -14.56
N SER B 36 -6.64 15.82 -15.02
CA SER B 36 -6.75 16.81 -16.10
C SER B 36 -6.49 16.13 -17.44
N GLU B 37 -7.52 16.07 -18.27
CA GLU B 37 -7.40 15.47 -19.59
C GLU B 37 -6.39 16.23 -20.43
N GLU B 38 -6.47 17.56 -20.42
CA GLU B 38 -5.55 18.35 -21.22
C GLU B 38 -4.10 18.18 -20.80
N GLN B 39 -3.87 18.01 -19.50
CA GLN B 39 -2.51 17.84 -19.02
C GLN B 39 -1.94 16.55 -19.57
N ILE B 40 -2.75 15.49 -19.60
CA ILE B 40 -2.28 14.22 -20.11
C ILE B 40 -1.94 14.36 -21.59
N LYS B 41 -2.77 15.11 -22.33
CA LYS B 41 -2.53 15.34 -23.74
C LYS B 41 -1.22 16.09 -23.90
N ILE B 42 -1.00 17.08 -23.04
CA ILE B 42 0.22 17.85 -23.13
C ILE B 42 1.46 16.99 -22.89
N ASN B 43 1.41 16.15 -21.86
CA ASN B 43 2.54 15.30 -21.55
C ASN B 43 2.83 14.35 -22.69
N TYR B 44 1.79 13.74 -23.22
CA TYR B 44 1.94 12.83 -24.34
C TYR B 44 2.53 13.59 -25.54
N ASN B 45 1.88 14.69 -25.94
CA ASN B 45 2.36 15.44 -27.09
C ASN B 45 3.83 15.82 -26.95
N ARG B 46 4.27 16.14 -25.74
CA ARG B 46 5.66 16.52 -25.54
C ARG B 46 6.61 15.41 -25.95
N TYR B 47 6.19 14.16 -25.75
CA TYR B 47 7.02 13.01 -26.14
C TYR B 47 7.01 12.87 -27.65
N ILE B 48 5.81 12.88 -28.24
CA ILE B 48 5.67 12.73 -29.67
C ILE B 48 6.47 13.79 -30.42
N GLU B 49 6.33 15.03 -29.98
CA GLU B 49 7.04 16.13 -30.61
C GLU B 49 8.55 16.02 -30.45
N ALA B 50 9.01 15.72 -29.24
CA ALA B 50 10.43 15.60 -28.97
C ALA B 50 11.13 14.46 -29.72
N PHE B 51 10.35 13.43 -30.11
CA PHE B 51 10.88 12.27 -30.84
C PHE B 51 10.48 12.17 -32.32
N LYS B 52 9.71 13.15 -32.81
CA LYS B 52 9.28 13.11 -34.22
C LYS B 52 10.53 13.03 -35.10
N ARG B 53 11.62 13.55 -34.57
CA ARG B 53 12.89 13.55 -35.24
C ARG B 53 13.34 12.13 -35.62
N TRP B 54 13.00 11.14 -34.80
CA TRP B 54 13.42 9.77 -35.05
C TRP B 54 12.94 9.13 -36.35
N GLU B 55 11.65 9.27 -36.64
CA GLU B 55 11.11 8.71 -37.86
C GLU B 55 11.56 9.53 -39.06
N GLU B 56 11.76 10.83 -38.86
CA GLU B 56 12.19 11.69 -39.94
C GLU B 56 13.62 11.38 -40.37
N GLU B 57 14.41 10.82 -39.46
CA GLU B 57 15.80 10.50 -39.76
C GLU B 57 16.11 9.03 -40.00
N THR B 58 15.17 8.14 -39.72
CA THR B 58 15.42 6.72 -39.93
C THR B 58 14.26 6.05 -40.64
N GLY B 59 13.11 6.71 -40.66
CA GLY B 59 11.96 6.12 -41.32
C GLY B 59 11.31 5.08 -40.42
N LYS B 60 11.94 4.81 -39.29
CA LYS B 60 11.41 3.84 -38.35
C LYS B 60 10.38 4.48 -37.43
N GLU B 61 9.61 3.65 -36.75
CA GLU B 61 8.59 4.13 -35.84
C GLU B 61 9.09 4.41 -34.43
N PHE B 62 8.47 5.42 -33.81
CA PHE B 62 8.76 5.74 -32.43
C PHE B 62 7.44 5.45 -31.73
N ILE B 63 7.48 4.53 -30.78
CA ILE B 63 6.28 4.17 -30.07
C ILE B 63 6.37 4.45 -28.57
N VAL B 64 5.30 5.03 -28.03
CA VAL B 64 5.23 5.32 -26.62
C VAL B 64 4.36 4.22 -26.01
N ALA B 65 4.93 3.45 -25.09
CA ALA B 65 4.19 2.37 -24.42
C ALA B 65 3.91 2.84 -23.01
N TYR B 66 2.78 3.51 -22.82
CA TYR B 66 2.40 3.99 -21.49
C TYR B 66 2.45 2.86 -20.48
N ALA B 67 3.13 3.08 -19.36
CA ALA B 67 3.21 2.08 -18.31
C ALA B 67 1.92 2.12 -17.48
N TYR B 68 1.03 1.16 -17.70
CA TYR B 68 -0.23 1.09 -16.99
C TYR B 68 -0.12 1.07 -15.45
N ALA B 70 1.28 2.80 -13.51
CA ALA B 70 1.27 4.13 -12.89
C ALA B 70 -0.16 4.62 -12.70
N ASN B 71 -1.08 4.07 -13.49
CA ASN B 71 -2.49 4.43 -13.43
C ASN B 71 -3.23 3.74 -14.55
N ALA B 72 -4.08 2.77 -14.21
CA ALA B 72 -4.81 2.08 -15.26
C ALA B 72 -6.31 2.25 -15.15
N ASN B 73 -6.74 3.44 -14.74
CA ASN B 73 -8.18 3.72 -14.65
C ASN B 73 -8.71 3.63 -16.07
N LEU B 74 -9.79 2.88 -16.27
CA LEU B 74 -10.36 2.70 -17.62
C LEU B 74 -10.46 3.96 -18.47
N ALA B 75 -10.86 5.07 -17.87
CA ALA B 75 -11.02 6.31 -18.63
C ALA B 75 -9.66 6.81 -19.10
N ILE B 76 -8.69 6.79 -18.20
CA ILE B 76 -7.35 7.24 -18.51
C ILE B 76 -6.70 6.45 -19.64
N THR B 77 -6.78 5.13 -19.57
CA THR B 77 -6.19 4.31 -20.63
C THR B 77 -6.97 4.55 -21.94
N ARG B 78 -8.28 4.71 -21.80
CA ARG B 78 -9.16 4.95 -22.93
C ARG B 78 -8.70 6.24 -23.61
N LEU B 79 -8.37 7.23 -22.79
CA LEU B 79 -7.92 8.51 -23.27
C LEU B 79 -6.59 8.37 -24.01
N LEU B 80 -5.61 7.75 -23.37
CA LEU B 80 -4.32 7.59 -24.00
C LEU B 80 -4.47 6.70 -25.24
N ALA B 81 -5.35 5.72 -25.18
CA ALA B 81 -5.56 4.84 -26.32
C ALA B 81 -5.98 5.65 -27.56
N LYS B 82 -6.88 6.61 -27.36
CA LYS B 82 -7.36 7.46 -28.45
C LYS B 82 -6.28 8.41 -28.95
N LEU B 83 -5.31 8.71 -28.10
CA LEU B 83 -4.23 9.60 -28.48
C LEU B 83 -3.23 8.85 -29.35
N GLY B 84 -3.45 7.55 -29.50
CA GLY B 84 -2.56 6.73 -30.30
C GLY B 84 -1.41 6.16 -29.47
N CYS B 85 -1.51 6.32 -28.16
CA CYS B 85 -0.47 5.85 -27.27
C CYS B 85 -0.51 4.33 -27.18
N GLY B 86 0.64 3.74 -26.87
CA GLY B 86 0.74 2.30 -26.73
C GLY B 86 0.52 1.88 -25.29
N ALA B 87 0.92 0.66 -24.92
CA ALA B 87 0.73 0.21 -23.55
C ALA B 87 1.80 -0.76 -23.06
N ASP B 88 2.35 -0.45 -21.90
CA ASP B 88 3.34 -1.31 -21.26
C ASP B 88 2.62 -1.99 -20.10
N VAL B 89 2.20 -3.23 -20.32
CA VAL B 89 1.49 -3.99 -19.32
C VAL B 89 2.38 -5.01 -18.66
N VAL B 90 2.08 -5.32 -17.41
CA VAL B 90 2.87 -6.27 -16.64
C VAL B 90 2.01 -7.32 -15.93
N SER B 91 0.75 -7.43 -16.33
CA SER B 91 -0.14 -8.41 -15.72
C SER B 91 -1.31 -8.69 -16.66
N GLY B 92 -1.97 -9.82 -16.42
CA GLY B 92 -3.11 -10.20 -17.21
C GLY B 92 -4.17 -9.12 -17.15
N GLY B 93 -4.31 -8.52 -15.98
CA GLY B 93 -5.30 -7.47 -15.81
C GLY B 93 -4.95 -6.23 -16.64
N GLU B 94 -3.66 -5.89 -16.75
CA GLU B 94 -3.30 -4.71 -17.52
C GLU B 94 -3.53 -4.96 -19.01
N LEU B 95 -3.21 -6.17 -19.47
CA LEU B 95 -3.39 -6.53 -20.87
C LEU B 95 -4.90 -6.49 -21.14
N TYR B 96 -5.66 -7.04 -20.21
CA TYR B 96 -7.11 -7.07 -20.30
C TYR B 96 -7.67 -5.65 -20.44
N ILE B 97 -7.17 -4.74 -19.61
CA ILE B 97 -7.60 -3.34 -19.63
C ILE B 97 -7.13 -2.70 -20.94
N ALA B 98 -5.87 -2.93 -21.28
CA ALA B 98 -5.30 -2.38 -22.50
C ALA B 98 -6.15 -2.74 -23.73
N LYS B 99 -6.49 -4.02 -23.86
CA LYS B 99 -7.27 -4.52 -25.00
C LYS B 99 -8.69 -3.98 -24.97
N LEU B 100 -9.25 -3.77 -23.79
CA LEU B 100 -10.59 -3.23 -23.71
C LEU B 100 -10.57 -1.75 -24.03
N SER B 101 -9.41 -1.11 -23.87
CA SER B 101 -9.29 0.31 -24.14
C SER B 101 -8.97 0.58 -25.61
N ASN B 102 -9.00 -0.50 -26.42
CA ASN B 102 -8.73 -0.43 -27.85
C ASN B 102 -7.32 -0.04 -28.23
N VAL B 103 -6.37 -0.50 -27.45
CA VAL B 103 -4.99 -0.23 -27.75
C VAL B 103 -4.61 -1.32 -28.75
N PRO B 104 -4.01 -0.93 -29.89
CA PRO B 104 -3.60 -1.88 -30.92
C PRO B 104 -2.55 -2.85 -30.39
N SER B 105 -2.71 -4.13 -30.68
CA SER B 105 -1.75 -5.12 -30.18
C SER B 105 -0.31 -4.85 -30.59
N LYS B 106 -0.12 -4.28 -31.78
CA LYS B 106 1.23 -3.99 -32.26
C LYS B 106 1.82 -2.78 -31.53
N LYS B 107 1.13 -2.32 -30.49
CA LYS B 107 1.62 -1.21 -29.69
C LYS B 107 1.61 -1.62 -28.21
N ILE B 108 1.52 -2.92 -27.97
CA ILE B 108 1.49 -3.45 -26.60
C ILE B 108 2.71 -4.34 -26.30
N VAL B 109 3.39 -4.04 -25.21
CA VAL B 109 4.54 -4.85 -24.78
C VAL B 109 4.20 -5.36 -23.38
N PHE B 110 4.72 -6.53 -23.04
CA PHE B 110 4.44 -7.17 -21.76
C PHE B 110 5.73 -7.37 -20.96
N ASN B 111 5.80 -6.76 -19.79
CA ASN B 111 6.96 -6.88 -18.91
C ASN B 111 6.59 -7.69 -17.69
N GLY B 112 7.60 -8.16 -16.96
CA GLY B 112 7.33 -8.94 -15.76
C GLY B 112 8.32 -10.07 -15.53
N ASN B 113 8.74 -10.24 -14.29
CA ASN B 113 9.69 -11.30 -13.93
C ASN B 113 8.98 -12.61 -13.62
N CYS B 114 7.65 -12.57 -13.55
CA CYS B 114 6.92 -13.81 -13.28
C CYS B 114 5.64 -13.89 -14.09
N LYS B 115 5.76 -14.04 -15.41
CA LYS B 115 4.59 -14.15 -16.27
C LYS B 115 4.11 -15.61 -16.20
N THR B 116 2.86 -15.80 -15.79
CA THR B 116 2.31 -17.14 -15.67
C THR B 116 1.90 -17.70 -17.05
N LYS B 117 1.67 -19.00 -17.12
CA LYS B 117 1.26 -19.60 -18.38
C LYS B 117 -0.05 -18.98 -18.83
N GLU B 118 -0.94 -18.73 -17.88
CA GLU B 118 -2.23 -18.15 -18.17
C GLU B 118 -2.10 -16.78 -18.85
N GLU B 119 -1.17 -15.96 -18.36
CA GLU B 119 -0.95 -14.63 -18.92
C GLU B 119 -0.28 -14.71 -20.28
N ILE B 120 0.62 -15.67 -20.44
CA ILE B 120 1.31 -15.80 -21.71
C ILE B 120 0.32 -16.18 -22.81
N ILE B 121 -0.62 -17.05 -22.48
CA ILE B 121 -1.64 -17.46 -23.43
C ILE B 121 -2.42 -16.23 -23.87
N MET B 122 -2.73 -15.35 -22.91
CA MET B 122 -3.46 -14.13 -23.21
C MET B 122 -2.64 -13.25 -24.17
N GLY B 123 -1.37 -13.04 -23.84
CA GLY B 123 -0.52 -12.23 -24.70
C GLY B 123 -0.41 -12.80 -26.11
N ILE B 124 -0.24 -14.11 -26.21
CA ILE B 124 -0.14 -14.76 -27.51
C ILE B 124 -1.46 -14.61 -28.29
N GLU B 125 -2.58 -14.98 -27.66
CA GLU B 125 -3.87 -14.86 -28.31
C GLU B 125 -4.14 -13.46 -28.82
N ALA B 126 -3.62 -12.46 -28.10
CA ALA B 126 -3.79 -11.07 -28.47
C ALA B 126 -2.73 -10.67 -29.48
N ASN B 127 -1.76 -11.55 -29.69
CA ASN B 127 -0.68 -11.31 -30.65
C ASN B 127 0.04 -9.98 -30.36
N ILE B 128 0.36 -9.70 -29.08
CA ILE B 128 1.03 -8.46 -28.70
C ILE B 128 2.35 -8.25 -29.43
N ARG B 129 2.80 -7.00 -29.48
CA ARG B 129 4.05 -6.68 -30.16
C ARG B 129 5.20 -7.52 -29.62
N ALA B 130 5.26 -7.66 -28.30
CA ALA B 130 6.34 -8.43 -27.73
C ALA B 130 6.28 -8.69 -26.23
N PHE B 131 6.82 -9.83 -25.86
CA PHE B 131 6.93 -10.22 -24.47
C PHE B 131 8.36 -9.75 -24.17
N ASN B 132 8.53 -8.93 -23.13
CA ASN B 132 9.86 -8.46 -22.76
C ASN B 132 10.40 -9.53 -21.81
N VAL B 133 10.88 -10.63 -22.40
CA VAL B 133 11.40 -11.76 -21.63
C VAL B 133 12.36 -11.33 -20.54
N ASP B 134 12.05 -11.77 -19.33
CA ASP B 134 12.84 -11.42 -18.18
C ASP B 134 13.83 -12.50 -17.75
N SER B 135 13.65 -13.70 -18.29
CA SER B 135 14.53 -14.80 -17.93
C SER B 135 14.41 -15.92 -18.94
N ILE B 136 15.43 -16.76 -18.98
CA ILE B 136 15.46 -17.89 -19.88
C ILE B 136 14.32 -18.81 -19.52
N SER B 137 13.99 -18.84 -18.24
CA SER B 137 12.90 -19.68 -17.80
C SER B 137 11.59 -19.22 -18.44
N GLU B 138 11.43 -17.92 -18.59
CA GLU B 138 10.23 -17.35 -19.19
C GLU B 138 10.21 -17.65 -20.69
N LEU B 139 11.38 -17.58 -21.31
CA LEU B 139 11.52 -17.85 -22.74
C LEU B 139 10.99 -19.24 -23.07
N ILE B 140 11.46 -20.24 -22.32
CA ILE B 140 11.05 -21.62 -22.52
C ILE B 140 9.54 -21.76 -22.35
N LEU B 141 9.02 -21.11 -21.32
CA LEU B 141 7.59 -21.16 -21.06
C LEU B 141 6.83 -20.57 -22.25
N ILE B 142 7.25 -19.40 -22.70
CA ILE B 142 6.56 -18.76 -23.82
C ILE B 142 6.54 -19.66 -25.05
N ASN B 143 7.71 -20.17 -25.41
CA ASN B 143 7.85 -21.05 -26.56
C ASN B 143 6.98 -22.29 -26.39
N GLU B 144 7.10 -22.95 -25.25
CA GLU B 144 6.30 -24.14 -25.00
C GLU B 144 4.81 -23.85 -25.12
N THR B 145 4.39 -22.70 -24.58
CA THR B 145 2.99 -22.29 -24.61
C THR B 145 2.51 -21.97 -26.03
N ALA B 146 3.36 -21.29 -26.78
CA ALA B 146 3.05 -20.93 -28.15
C ALA B 146 2.95 -22.22 -28.95
N LYS B 147 3.77 -23.20 -28.58
CA LYS B 147 3.77 -24.48 -29.27
C LYS B 147 2.40 -25.14 -29.14
N GLU B 148 1.99 -25.39 -27.89
CA GLU B 148 0.71 -26.01 -27.59
C GLU B 148 -0.45 -25.26 -28.26
N LEU B 149 -0.35 -23.94 -28.34
CA LEU B 149 -1.40 -23.14 -28.97
C LEU B 149 -1.31 -23.17 -30.49
N GLY B 150 -0.17 -23.59 -31.01
CA GLY B 150 0.01 -23.64 -32.45
C GLY B 150 0.11 -22.23 -33.02
N GLU B 151 0.86 -21.38 -32.31
CA GLU B 151 1.04 -19.99 -32.72
C GLU B 151 2.46 -19.56 -32.44
N THR B 152 2.78 -18.35 -32.87
CA THR B 152 4.12 -17.80 -32.66
C THR B 152 4.05 -16.60 -31.74
N ALA B 153 4.94 -16.57 -30.75
CA ALA B 153 4.97 -15.47 -29.81
C ALA B 153 6.11 -14.53 -30.11
N ASN B 154 5.81 -13.23 -30.16
CA ASN B 154 6.83 -12.22 -30.40
C ASN B 154 7.53 -11.93 -29.08
N VAL B 155 8.86 -11.99 -29.10
CA VAL B 155 9.61 -11.76 -27.87
C VAL B 155 10.77 -10.80 -28.02
N ALA B 156 10.94 -10.01 -26.98
CA ALA B 156 12.03 -9.06 -26.90
C ALA B 156 12.72 -9.48 -25.60
N PHE B 157 13.92 -8.97 -25.36
CA PHE B 157 14.65 -9.37 -24.18
C PHE B 157 15.11 -8.26 -23.28
N ARG B 158 14.66 -8.30 -22.02
CA ARG B 158 15.04 -7.28 -21.05
C ARG B 158 16.44 -7.57 -20.55
N ILE B 159 17.39 -6.71 -20.90
CA ILE B 159 18.75 -6.90 -20.49
C ILE B 159 19.16 -5.90 -19.40
N ASN B 160 20.20 -6.24 -18.66
CA ASN B 160 20.69 -5.34 -17.63
C ASN B 160 22.12 -5.01 -18.01
N PRO B 161 22.33 -3.81 -18.56
CA PRO B 161 23.69 -3.41 -18.95
C PRO B 161 24.60 -3.32 -17.74
N ASN B 162 25.89 -3.50 -17.97
CA ASN B 162 26.85 -3.44 -16.91
C ASN B 162 27.20 -1.99 -16.54
N VAL B 163 26.24 -1.31 -15.91
CA VAL B 163 26.42 0.08 -15.50
C VAL B 163 27.56 0.19 -14.49
N ASN B 164 28.39 1.23 -14.65
CA ASN B 164 29.53 1.46 -13.75
C ASN B 164 29.05 1.87 -12.36
N PRO B 165 29.49 1.14 -11.32
CA PRO B 165 29.12 1.40 -9.93
C PRO B 165 29.43 2.83 -9.47
N LYS B 166 30.61 3.33 -9.83
CA LYS B 166 31.03 4.67 -9.47
C LYS B 166 30.13 5.75 -10.07
N THR B 167 29.93 5.71 -11.39
CA THR B 167 29.09 6.68 -12.09
C THR B 167 27.73 6.88 -11.41
N HIS B 168 26.82 5.92 -11.60
CA HIS B 168 25.48 5.98 -11.00
C HIS B 168 25.28 4.78 -10.07
N PRO B 169 25.78 4.88 -8.82
CA PRO B 169 25.70 3.85 -7.78
C PRO B 169 24.37 3.13 -7.68
N LYS B 170 23.31 3.90 -7.48
CA LYS B 170 21.97 3.34 -7.37
C LYS B 170 21.58 2.52 -8.61
N ILE B 171 21.70 3.12 -9.79
CA ILE B 171 21.35 2.42 -11.03
C ILE B 171 22.17 1.15 -11.19
N SER B 172 23.45 1.23 -10.86
CA SER B 172 24.33 0.07 -10.99
C SER B 172 23.94 -1.10 -10.09
N THR B 173 23.76 -0.83 -8.80
CA THR B 173 23.40 -1.85 -7.80
C THR B 173 22.07 -2.54 -8.13
N GLY B 174 21.16 -1.79 -8.73
CA GLY B 174 19.87 -2.33 -9.09
C GLY B 174 19.96 -3.39 -10.19
N LEU B 175 20.60 -3.04 -11.30
CA LEU B 175 20.74 -3.96 -12.41
C LEU B 175 21.61 -5.18 -12.07
N LYS B 176 21.93 -5.34 -10.79
CA LYS B 176 22.76 -6.46 -10.36
C LYS B 176 22.15 -7.27 -9.22
N LYS B 177 21.55 -6.58 -8.26
CA LYS B 177 20.95 -7.23 -7.11
C LYS B 177 19.44 -7.45 -7.21
N ASN B 178 18.80 -6.80 -8.17
CA ASN B 178 17.35 -6.94 -8.34
C ASN B 178 16.97 -8.22 -9.08
N LYS B 179 15.66 -8.44 -9.21
CA LYS B 179 15.14 -9.63 -9.86
C LYS B 179 14.84 -9.53 -11.36
N PHE B 180 14.98 -8.33 -11.91
CA PHE B 180 14.67 -8.12 -13.34
C PHE B 180 15.81 -8.31 -14.31
N GLY B 181 15.41 -8.60 -15.54
CA GLY B 181 16.33 -8.74 -16.66
C GLY B 181 17.33 -9.87 -16.74
N LEU B 182 18.03 -9.88 -17.88
CA LEU B 182 19.04 -10.88 -18.18
C LEU B 182 20.40 -10.16 -18.14
N ASP B 183 21.28 -10.61 -17.26
CA ASP B 183 22.60 -10.01 -17.12
C ASP B 183 23.35 -10.00 -18.44
N VAL B 184 23.97 -8.87 -18.77
CA VAL B 184 24.71 -8.78 -20.01
C VAL B 184 26.14 -9.25 -19.77
N GLU B 185 26.79 -8.65 -18.78
CA GLU B 185 28.17 -8.98 -18.43
C GLU B 185 28.48 -10.47 -18.39
N SER B 186 27.67 -11.21 -17.63
CA SER B 186 27.88 -12.64 -17.47
C SER B 186 27.59 -13.47 -18.73
N GLY B 187 27.07 -12.81 -19.76
CA GLY B 187 26.77 -13.51 -20.99
C GLY B 187 25.38 -14.12 -21.06
N ILE B 188 24.62 -13.96 -19.97
CA ILE B 188 23.27 -14.51 -19.90
C ILE B 188 22.35 -13.95 -20.98
N ALA B 189 22.41 -12.64 -21.21
CA ALA B 189 21.56 -12.03 -22.23
C ALA B 189 21.81 -12.65 -23.59
N MET B 190 23.08 -12.72 -23.97
CA MET B 190 23.46 -13.30 -25.24
C MET B 190 22.96 -14.74 -25.32
N LYS B 191 23.22 -15.51 -24.27
CA LYS B 191 22.80 -16.91 -24.20
C LYS B 191 21.29 -17.05 -24.41
N ALA B 192 20.49 -16.22 -23.76
CA ALA B 192 19.06 -16.28 -23.90
C ALA B 192 18.62 -16.02 -25.33
N ILE B 193 19.20 -14.99 -25.97
CA ILE B 193 18.83 -14.64 -27.35
C ILE B 193 19.24 -15.72 -28.34
N LYS B 194 20.46 -16.21 -28.22
CA LYS B 194 20.94 -17.27 -29.11
C LYS B 194 20.03 -18.48 -28.98
N MET B 195 19.55 -18.71 -27.75
CA MET B 195 18.67 -19.83 -27.45
C MET B 195 17.31 -19.64 -28.10
N ALA B 196 16.80 -18.42 -28.03
CA ALA B 196 15.50 -18.11 -28.61
C ALA B 196 15.50 -18.34 -30.12
N LEU B 197 16.62 -18.00 -30.76
CA LEU B 197 16.75 -18.16 -32.20
C LEU B 197 16.66 -19.59 -32.68
N GLU B 198 16.80 -20.53 -31.76
CA GLU B 198 16.72 -21.93 -32.08
C GLU B 198 15.29 -22.46 -31.90
N MET B 199 14.54 -21.84 -30.99
CA MET B 199 13.17 -22.26 -30.74
C MET B 199 12.34 -22.00 -31.97
N GLU B 200 11.37 -22.86 -32.23
CA GLU B 200 10.57 -22.70 -33.43
C GLU B 200 9.27 -21.93 -33.26
N TYR B 201 8.92 -21.59 -32.03
CA TYR B 201 7.67 -20.89 -31.82
C TYR B 201 7.79 -19.51 -31.20
N VAL B 202 8.94 -18.88 -31.39
CA VAL B 202 9.18 -17.54 -30.89
C VAL B 202 9.74 -16.70 -32.03
N ASN B 203 9.49 -15.39 -31.97
CA ASN B 203 9.96 -14.46 -32.98
C ASN B 203 10.71 -13.33 -32.29
N VAL B 204 12.04 -13.37 -32.38
CA VAL B 204 12.90 -12.34 -31.78
C VAL B 204 12.61 -10.99 -32.44
N VAL B 205 12.06 -10.08 -31.65
CA VAL B 205 11.69 -8.75 -32.10
C VAL B 205 12.63 -7.63 -31.63
N GLY B 206 13.31 -7.83 -30.51
CA GLY B 206 14.21 -6.78 -30.06
C GLY B 206 14.77 -6.94 -28.66
N VAL B 207 15.32 -5.85 -28.14
CA VAL B 207 15.86 -5.85 -26.78
C VAL B 207 15.09 -4.78 -26.00
N HIS B 208 15.13 -4.90 -24.67
CA HIS B 208 14.45 -3.98 -23.77
C HIS B 208 15.36 -3.71 -22.57
N CYS B 209 15.12 -2.60 -21.89
CA CYS B 209 15.91 -2.23 -20.73
C CYS B 209 15.20 -1.13 -19.97
N HIS B 210 15.19 -1.24 -18.63
CA HIS B 210 14.55 -0.25 -17.78
C HIS B 210 15.50 -0.03 -16.62
N ILE B 211 15.93 1.21 -16.42
CA ILE B 211 16.92 1.51 -15.39
C ILE B 211 16.48 2.13 -14.07
N GLY B 212 15.22 2.52 -13.95
CA GLY B 212 14.78 3.12 -12.72
C GLY B 212 13.57 4.01 -12.86
N SER B 213 13.30 4.81 -11.84
CA SER B 213 12.16 5.70 -11.86
C SER B 213 12.45 7.03 -11.20
N GLN B 214 11.73 8.05 -11.63
CA GLN B 214 11.88 9.41 -11.12
C GLN B 214 13.32 9.88 -11.27
N LEU B 215 13.89 9.64 -12.45
CA LEU B 215 15.26 10.06 -12.73
C LEU B 215 15.24 11.48 -13.29
N THR B 216 15.94 12.38 -12.60
CA THR B 216 16.02 13.78 -12.99
C THR B 216 17.41 14.12 -13.50
N ASP B 217 18.03 13.16 -14.17
CA ASP B 217 19.36 13.35 -14.74
C ASP B 217 19.36 12.65 -16.10
N ILE B 218 19.83 13.35 -17.12
CA ILE B 218 19.85 12.79 -18.47
C ILE B 218 21.00 11.79 -18.66
N SER B 219 22.06 11.99 -17.88
CA SER B 219 23.24 11.15 -17.94
C SER B 219 23.01 9.62 -17.94
N PRO B 220 22.18 9.12 -17.01
CA PRO B 220 21.90 7.68 -16.96
C PRO B 220 21.25 7.14 -18.23
N PHE B 221 20.43 7.95 -18.88
CA PHE B 221 19.76 7.52 -20.10
C PHE B 221 20.74 7.37 -21.26
N ILE B 222 21.75 8.25 -21.27
CA ILE B 222 22.76 8.21 -22.31
C ILE B 222 23.55 6.91 -22.14
N GLU B 223 23.99 6.65 -20.91
CA GLU B 223 24.75 5.45 -20.61
C GLU B 223 23.96 4.19 -20.97
N GLU B 224 22.67 4.21 -20.66
CA GLU B 224 21.79 3.08 -20.96
C GLU B 224 21.74 2.83 -22.46
N THR B 225 21.47 3.89 -23.21
CA THR B 225 21.36 3.78 -24.65
C THR B 225 22.64 3.24 -25.27
N ARG B 226 23.75 3.79 -24.84
CA ARG B 226 25.05 3.36 -25.34
C ARG B 226 25.29 1.88 -25.04
N LYS B 227 25.15 1.46 -23.79
CA LYS B 227 25.40 0.05 -23.46
C LYS B 227 24.39 -0.90 -24.06
N VAL B 228 23.20 -0.39 -24.36
CA VAL B 228 22.20 -1.23 -24.98
C VAL B 228 22.60 -1.37 -26.45
N MET B 229 22.99 -0.25 -27.05
CA MET B 229 23.37 -0.30 -28.45
C MET B 229 24.65 -1.10 -28.67
N ASP B 230 25.56 -1.06 -27.70
CA ASP B 230 26.79 -1.83 -27.83
C ASP B 230 26.43 -3.29 -27.93
N PHE B 231 25.46 -3.71 -27.12
CA PHE B 231 25.00 -5.10 -27.10
C PHE B 231 24.37 -5.48 -28.44
N VAL B 232 23.58 -4.55 -29.00
CA VAL B 232 22.91 -4.76 -30.27
C VAL B 232 23.97 -5.01 -31.36
N VAL B 233 25.07 -4.26 -31.28
CA VAL B 233 26.16 -4.38 -32.23
C VAL B 233 26.75 -5.78 -32.11
N GLU B 234 26.87 -6.24 -30.86
CA GLU B 234 27.40 -7.56 -30.59
C GLU B 234 26.51 -8.61 -31.21
N LEU B 235 25.20 -8.41 -31.09
CA LEU B 235 24.25 -9.35 -31.66
C LEU B 235 24.41 -9.33 -33.18
N LYS B 236 24.65 -8.14 -33.73
CA LYS B 236 24.82 -7.97 -35.17
C LYS B 236 25.99 -8.81 -35.68
N GLU B 237 27.08 -8.82 -34.94
CA GLU B 237 28.24 -9.59 -35.34
C GLU B 237 27.98 -11.09 -35.16
N GLU B 238 26.88 -11.42 -34.51
CA GLU B 238 26.51 -12.81 -34.30
C GLU B 238 25.45 -13.20 -35.33
N GLY B 239 25.18 -12.28 -36.25
CA GLY B 239 24.20 -12.53 -37.29
C GLY B 239 22.78 -12.35 -36.77
N ILE B 240 22.61 -11.59 -35.71
CA ILE B 240 21.30 -11.37 -35.13
C ILE B 240 20.84 -9.92 -35.27
N GLU B 241 19.79 -9.69 -36.06
CA GLU B 241 19.27 -8.35 -36.26
C GLU B 241 18.19 -8.01 -35.24
N ILE B 242 18.08 -6.72 -34.93
CA ILE B 242 17.12 -6.22 -33.94
C ILE B 242 16.13 -5.23 -34.52
N GLU B 243 14.85 -5.61 -34.50
CA GLU B 243 13.77 -4.79 -35.03
C GLU B 243 13.44 -3.63 -34.10
N ASP B 244 13.19 -3.92 -32.83
CA ASP B 244 12.85 -2.85 -31.89
C ASP B 244 13.88 -2.72 -30.77
N VAL B 245 13.99 -1.51 -30.23
CA VAL B 245 14.86 -1.22 -29.10
C VAL B 245 13.96 -0.44 -28.12
N ASN B 246 13.64 -1.06 -26.99
CA ASN B 246 12.78 -0.47 -25.95
C ASN B 246 13.68 -0.02 -24.82
N LEU B 247 13.68 1.28 -24.52
CA LEU B 247 14.53 1.81 -23.44
C LEU B 247 13.81 2.08 -22.11
N GLY B 248 12.58 1.60 -22.01
CA GLY B 248 11.80 1.77 -20.79
C GLY B 248 11.41 3.19 -20.40
N GLY B 249 10.96 3.36 -19.16
CA GLY B 249 10.55 4.66 -18.67
C GLY B 249 11.59 5.21 -17.71
N GLY B 250 11.17 5.97 -16.71
CA GLY B 250 12.12 6.50 -15.75
C GLY B 250 12.24 8.01 -15.61
N LEU B 251 11.86 8.74 -16.65
CA LEU B 251 11.94 10.19 -16.62
C LEU B 251 11.15 10.71 -15.43
N GLY B 252 11.83 11.47 -14.58
CA GLY B 252 11.20 12.02 -13.39
C GLY B 252 10.32 13.22 -13.68
N ILE B 253 9.42 13.53 -12.74
CA ILE B 253 8.52 14.65 -12.88
C ILE B 253 8.86 15.69 -11.80
N PRO B 254 8.44 16.95 -12.00
CA PRO B 254 8.72 18.02 -11.03
C PRO B 254 7.85 18.09 -9.77
N TYR B 255 8.08 17.17 -8.82
CA TYR B 255 7.33 17.20 -7.56
C TYR B 255 7.77 18.49 -6.86
N TYR B 256 9.07 18.75 -6.91
CA TYR B 256 9.65 19.95 -6.34
C TYR B 256 9.59 21.06 -7.39
N LYS B 257 8.92 22.16 -7.07
CA LYS B 257 8.80 23.27 -7.99
C LYS B 257 10.07 24.11 -7.93
N ASP B 258 10.92 23.78 -6.96
CA ASP B 258 12.20 24.45 -6.71
C ASP B 258 13.29 24.07 -7.69
N LYS B 259 13.35 22.80 -8.06
CA LYS B 259 14.41 22.34 -8.95
C LYS B 259 13.97 22.13 -10.39
N GLN B 260 14.86 22.46 -11.32
CA GLN B 260 14.58 22.30 -12.74
C GLN B 260 15.08 20.93 -13.17
N ILE B 261 14.24 20.20 -13.92
CA ILE B 261 14.57 18.86 -14.37
C ILE B 261 14.55 18.73 -15.88
N PRO B 262 15.13 17.64 -16.41
CA PRO B 262 15.16 17.39 -17.86
C PRO B 262 13.75 17.25 -18.41
N THR B 263 13.57 17.65 -19.67
CA THR B 263 12.28 17.57 -20.35
C THR B 263 12.35 16.42 -21.37
N GLN B 264 11.23 16.13 -22.01
CA GLN B 264 11.19 15.08 -23.01
C GLN B 264 12.19 15.41 -24.12
N LYS B 265 12.35 16.70 -24.41
CA LYS B 265 13.27 17.16 -25.45
C LYS B 265 14.71 16.82 -25.08
N ASP B 266 15.05 16.97 -23.81
CA ASP B 266 16.40 16.66 -23.37
C ASP B 266 16.63 15.17 -23.47
N LEU B 267 15.58 14.40 -23.18
CA LEU B 267 15.67 12.95 -23.23
C LEU B 267 15.82 12.46 -24.68
N ALA B 268 15.02 13.01 -25.58
CA ALA B 268 15.07 12.63 -26.98
C ALA B 268 16.43 12.97 -27.58
N ASP B 269 16.91 14.17 -27.33
CA ASP B 269 18.20 14.58 -27.85
C ASP B 269 19.30 13.67 -27.34
N ALA B 270 19.19 13.28 -26.07
CA ALA B 270 20.19 12.40 -25.47
C ALA B 270 20.12 11.00 -26.10
N ILE B 271 18.92 10.47 -26.23
CA ILE B 271 18.75 9.13 -26.80
C ILE B 271 19.02 9.05 -28.30
N ILE B 272 18.32 9.88 -29.07
CA ILE B 272 18.48 9.88 -30.51
C ILE B 272 19.92 10.16 -30.95
N ASN B 273 20.58 11.14 -30.34
CA ASN B 273 21.95 11.44 -30.71
C ASN B 273 22.84 10.22 -30.48
N THR B 274 22.68 9.56 -29.33
CA THR B 274 23.50 8.38 -29.03
C THR B 274 23.18 7.25 -30.01
N MET B 275 21.90 7.04 -30.27
CA MET B 275 21.44 6.01 -31.19
C MET B 275 22.06 6.14 -32.57
N LEU B 276 21.92 7.32 -33.16
CA LEU B 276 22.44 7.57 -34.49
C LEU B 276 23.93 7.28 -34.66
N LYS B 277 24.68 7.25 -33.56
CA LYS B 277 26.11 6.97 -33.63
C LYS B 277 26.40 5.53 -34.03
N TYR B 278 25.36 4.70 -34.06
CA TYR B 278 25.55 3.31 -34.44
C TYR B 278 25.01 3.01 -35.83
N LYS B 279 24.51 4.04 -36.50
CA LYS B 279 23.92 3.90 -37.84
C LYS B 279 24.82 3.20 -38.86
N ASP B 280 26.13 3.24 -38.63
CA ASP B 280 27.08 2.62 -39.54
C ASP B 280 27.40 1.16 -39.21
N LYS B 281 27.07 0.72 -38.00
CA LYS B 281 27.36 -0.66 -37.62
C LYS B 281 26.08 -1.51 -37.65
N VAL B 282 24.95 -0.86 -37.39
CA VAL B 282 23.68 -1.55 -37.36
C VAL B 282 22.57 -0.69 -37.96
N GLU B 283 21.54 -1.33 -38.46
CA GLU B 283 20.41 -0.61 -39.04
C GLU B 283 19.54 -0.08 -37.90
N MET B 284 19.22 1.21 -37.95
CA MET B 284 18.38 1.84 -36.94
C MET B 284 17.05 1.10 -36.83
N PRO B 285 16.67 0.72 -35.61
CA PRO B 285 15.42 0.01 -35.34
C PRO B 285 14.31 0.92 -34.87
N ASN B 286 13.16 0.33 -34.64
CA ASN B 286 12.07 1.13 -34.12
C ASN B 286 12.48 1.47 -32.70
N LEU B 287 12.06 2.63 -32.23
CA LEU B 287 12.39 3.06 -30.89
C LEU B 287 11.13 3.06 -30.02
N ILE B 288 11.22 2.44 -28.85
CA ILE B 288 10.08 2.39 -27.93
C ILE B 288 10.51 2.86 -26.54
N LEU B 289 9.63 3.61 -25.88
CA LEU B 289 9.87 4.09 -24.52
C LEU B 289 8.65 3.74 -23.68
N GLU B 290 8.83 3.49 -22.38
CA GLU B 290 7.68 3.12 -21.55
C GLU B 290 7.37 4.13 -20.45
N PRO B 291 7.08 5.38 -20.84
CA PRO B 291 6.75 6.45 -19.89
C PRO B 291 5.56 6.12 -19.01
N GLY B 292 5.71 6.31 -17.71
CA GLY B 292 4.60 6.07 -16.81
C GLY B 292 4.33 7.38 -16.11
N ARG B 293 5.13 7.64 -15.08
CA ARG B 293 5.01 8.85 -14.28
C ARG B 293 5.01 10.14 -15.10
N SER B 294 5.93 10.23 -16.07
CA SER B 294 6.04 11.44 -16.89
C SER B 294 4.85 11.71 -17.83
N LEU B 295 3.86 10.83 -17.79
CA LEU B 295 2.69 11.03 -18.63
C LEU B 295 1.47 11.45 -17.84
N VAL B 296 1.23 10.83 -16.68
CA VAL B 296 0.06 11.14 -15.87
C VAL B 296 0.25 11.87 -14.52
N ALA B 297 1.41 11.67 -13.89
CA ALA B 297 1.70 12.29 -12.59
C ALA B 297 1.20 13.73 -12.41
N THR B 298 1.71 14.64 -13.21
CA THR B 298 1.34 16.06 -13.09
C THR B 298 -0.09 16.34 -13.50
N ALA B 299 -0.82 15.32 -13.91
CA ALA B 299 -2.19 15.51 -14.31
C ALA B 299 -3.14 15.22 -13.15
N GLY B 300 -2.60 14.72 -12.04
CA GLY B 300 -3.46 14.39 -10.92
C GLY B 300 -3.41 15.28 -9.69
N TYR B 301 -4.58 15.55 -9.13
CA TYR B 301 -4.69 16.37 -7.94
C TYR B 301 -5.67 15.68 -6.99
N LEU B 302 -5.27 15.57 -5.73
CA LEU B 302 -6.08 14.95 -4.70
C LEU B 302 -6.62 16.04 -3.78
N LEU B 303 -7.93 16.17 -3.74
CA LEU B 303 -8.58 17.19 -2.92
C LEU B 303 -9.07 16.60 -1.60
N GLY B 304 -8.70 17.25 -0.50
CA GLY B 304 -9.11 16.77 0.82
C GLY B 304 -9.62 17.89 1.69
N LYS B 305 -10.83 17.73 2.22
CA LYS B 305 -11.40 18.77 3.08
C LYS B 305 -10.90 18.63 4.51
N VAL B 306 -10.61 19.77 5.13
CA VAL B 306 -10.12 19.80 6.51
C VAL B 306 -11.29 19.75 7.48
N HIS B 307 -11.27 18.78 8.38
CA HIS B 307 -12.32 18.61 9.37
C HIS B 307 -11.91 19.08 10.77
N HIS B 308 -10.62 19.09 11.05
CA HIS B 308 -10.14 19.51 12.35
C HIS B 308 -8.80 20.23 12.26
N ILE B 309 -8.58 21.13 13.21
CA ILE B 309 -7.34 21.89 13.29
C ILE B 309 -6.81 21.64 14.71
N LYS B 310 -5.74 20.86 14.81
CA LYS B 310 -5.15 20.55 16.12
C LYS B 310 -3.91 21.38 16.36
N GLU B 311 -3.82 22.01 17.53
CA GLU B 311 -2.66 22.84 17.83
C GLU B 311 -1.84 22.29 18.98
N THR B 312 -0.75 21.59 18.67
CA THR B 312 0.10 21.04 19.72
C THR B 312 1.10 22.10 20.16
N PRO B 313 1.84 21.84 21.24
CA PRO B 313 2.81 22.83 21.70
C PRO B 313 3.92 23.14 20.70
N VAL B 314 4.04 22.32 19.66
CA VAL B 314 5.10 22.52 18.68
C VAL B 314 4.65 22.61 17.21
N THR B 315 3.61 21.86 16.86
CA THR B 315 3.11 21.86 15.49
C THR B 315 1.61 22.15 15.40
N LYS B 316 1.21 22.81 14.33
CA LYS B 316 -0.21 23.11 14.13
C LYS B 316 -0.70 22.17 13.05
N TRP B 317 -1.36 21.09 13.44
CA TRP B 317 -1.89 20.10 12.48
C TRP B 317 -3.20 20.48 11.81
N VAL B 318 -3.37 19.97 10.60
CA VAL B 318 -4.57 20.18 9.80
C VAL B 318 -4.93 18.78 9.34
N MET B 319 -6.05 18.27 9.84
CA MET B 319 -6.51 16.92 9.48
C MET B 319 -7.53 17.00 8.37
N ILE B 320 -7.31 16.22 7.31
CA ILE B 320 -8.22 16.21 6.17
C ILE B 320 -8.77 14.81 5.95
N ASP B 321 -9.86 14.72 5.19
CA ASP B 321 -10.52 13.45 4.93
C ASP B 321 -9.76 12.57 3.92
N ALA B 322 -8.70 13.11 3.35
CA ALA B 322 -7.86 12.36 2.40
C ALA B 322 -6.82 11.66 3.26
N GLY B 323 -6.64 10.36 3.04
CA GLY B 323 -5.68 9.61 3.83
C GLY B 323 -4.68 8.86 2.98
N MET B 324 -3.71 8.22 3.63
CA MET B 324 -2.69 7.47 2.91
C MET B 324 -3.24 6.32 2.08
N ASN B 325 -4.39 5.79 2.47
CA ASN B 325 -4.99 4.69 1.72
C ASN B 325 -5.46 5.22 0.36
N ASP B 326 -5.61 6.54 0.26
CA ASP B 326 -6.04 7.17 -0.99
C ASP B 326 -4.84 7.46 -1.88
N MET B 327 -3.74 7.84 -1.25
CA MET B 327 -2.52 8.19 -1.96
C MET B 327 -1.35 7.84 -1.01
N MET B 328 -0.77 6.66 -1.23
CA MET B 328 0.30 6.10 -0.41
C MET B 328 1.71 6.65 -0.53
N ARG B 329 1.95 7.53 -1.49
CA ARG B 329 3.30 8.01 -1.69
C ARG B 329 3.99 8.65 -0.46
N PRO B 330 3.41 9.72 0.11
CA PRO B 330 4.03 10.34 1.28
C PRO B 330 4.35 9.35 2.39
N ALA B 331 3.34 8.64 2.87
CA ALA B 331 3.54 7.70 3.95
C ALA B 331 4.45 6.52 3.63
N MET B 332 4.50 6.13 2.36
CA MET B 332 5.30 4.98 1.99
C MET B 332 6.74 5.30 1.61
N TYR B 333 6.95 6.43 0.95
CA TYR B 333 8.31 6.78 0.54
C TYR B 333 8.81 8.07 1.15
N GLU B 334 7.97 8.72 1.96
CA GLU B 334 8.31 9.99 2.59
C GLU B 334 8.67 10.98 1.49
N ALA B 335 8.03 10.79 0.34
CA ALA B 335 8.25 11.63 -0.83
C ALA B 335 7.49 12.93 -0.67
N TYR B 336 7.97 13.94 -1.39
CA TYR B 336 7.38 15.26 -1.33
C TYR B 336 6.32 15.47 -2.40
N HIS B 337 5.25 16.17 -2.02
CA HIS B 337 4.15 16.49 -2.90
C HIS B 337 3.80 17.92 -2.53
N HIS B 338 3.55 18.74 -3.54
CA HIS B 338 3.21 20.13 -3.29
C HIS B 338 1.77 20.17 -2.80
N ILE B 339 1.53 20.98 -1.78
CA ILE B 339 0.20 21.11 -1.19
C ILE B 339 -0.17 22.58 -0.99
N ILE B 340 -1.41 22.92 -1.30
CA ILE B 340 -1.90 24.28 -1.17
C ILE B 340 -3.35 24.34 -0.68
N ASN B 341 -3.77 25.53 -0.30
CA ASN B 341 -5.15 25.79 0.14
C ASN B 341 -5.81 26.30 -1.13
N CYS B 342 -6.87 25.63 -1.58
CA CYS B 342 -7.56 26.07 -2.78
C CYS B 342 -8.08 27.50 -2.66
N LYS B 343 -8.19 27.99 -1.43
CA LYS B 343 -8.69 29.33 -1.19
C LYS B 343 -7.53 30.24 -0.78
N VAL B 344 -7.32 31.32 -1.53
CA VAL B 344 -6.25 32.25 -1.20
C VAL B 344 -6.66 33.15 -0.04
N LYS B 345 -5.97 33.01 1.10
CA LYS B 345 -6.25 33.84 2.27
C LYS B 345 -5.26 35.00 2.26
N ASN B 346 -5.59 36.09 2.95
CA ASN B 346 -4.71 37.25 2.97
C ASN B 346 -3.46 37.08 3.84
N GLU B 347 -3.37 35.95 4.52
CA GLU B 347 -2.21 35.66 5.38
C GLU B 347 -1.85 34.18 5.34
N LYS B 348 -0.56 33.88 5.47
CA LYS B 348 -0.11 32.51 5.45
C LYS B 348 0.37 32.04 6.81
N GLU B 349 0.44 30.73 6.98
CA GLU B 349 0.88 30.11 8.23
C GLU B 349 1.48 28.74 7.94
N VAL B 350 2.35 28.27 8.84
CA VAL B 350 2.98 26.97 8.67
C VAL B 350 2.16 25.91 9.39
N VAL B 351 1.92 24.78 8.73
CA VAL B 351 1.13 23.72 9.35
C VAL B 351 1.60 22.37 8.85
N SER B 352 1.11 21.31 9.47
CA SER B 352 1.43 19.98 8.99
C SER B 352 0.08 19.37 8.63
N ILE B 353 0.03 18.66 7.50
CA ILE B 353 -1.19 18.05 7.01
C ILE B 353 -1.20 16.55 7.21
N ALA B 354 -2.28 16.05 7.80
CA ALA B 354 -2.36 14.62 8.03
C ALA B 354 -3.71 14.05 7.67
N GLY B 355 -3.71 12.77 7.33
CA GLY B 355 -4.94 12.09 6.99
C GLY B 355 -5.61 11.62 8.27
N GLY B 356 -6.70 10.87 8.12
CA GLY B 356 -7.39 10.39 9.29
C GLY B 356 -7.03 9.00 9.75
N LEU B 357 -6.13 8.32 9.04
CA LEU B 357 -5.77 6.96 9.42
C LEU B 357 -4.93 6.92 10.71
N CYS B 358 -5.10 5.88 11.50
CA CYS B 358 -4.32 5.74 12.73
C CYS B 358 -3.02 5.04 12.40
N GLU B 359 -2.12 5.83 11.84
CA GLU B 359 -0.81 5.33 11.46
C GLU B 359 0.05 6.59 11.45
N SER B 360 1.06 6.64 12.31
CA SER B 360 1.91 7.82 12.40
C SER B 360 2.47 8.27 11.06
N SER B 361 2.71 7.33 10.15
CA SER B 361 3.25 7.66 8.84
C SER B 361 2.22 8.36 7.95
N ASP B 362 0.95 8.28 8.35
CA ASP B 362 -0.11 8.91 7.59
C ASP B 362 -0.11 10.42 7.67
N VAL B 363 0.95 11.00 7.13
CA VAL B 363 1.12 12.44 7.12
C VAL B 363 1.50 12.79 5.68
N PHE B 364 0.86 13.83 5.13
CA PHE B 364 1.13 14.24 3.75
C PHE B 364 2.32 15.20 3.65
N GLY B 365 2.52 16.00 4.69
CA GLY B 365 3.62 16.94 4.69
C GLY B 365 3.72 17.71 5.98
N ARG B 366 4.94 17.94 6.46
CA ARG B 366 5.15 18.68 7.69
C ARG B 366 5.70 20.06 7.41
N ASP B 367 5.39 21.00 8.31
CA ASP B 367 5.87 22.36 8.19
C ASP B 367 5.75 22.97 6.80
N ARG B 368 4.52 23.00 6.26
CA ARG B 368 4.30 23.59 4.95
C ARG B 368 3.67 24.96 5.12
N GLU B 369 4.01 25.88 4.22
CA GLU B 369 3.47 27.24 4.27
C GLU B 369 2.27 27.37 3.32
N LEU B 370 1.08 27.41 3.90
CA LEU B 370 -0.14 27.51 3.12
C LEU B 370 -0.93 28.74 3.55
N ASP B 371 -1.93 29.11 2.75
CA ASP B 371 -2.77 30.24 3.09
C ASP B 371 -3.60 29.75 4.27
N LYS B 372 -3.86 30.65 5.21
CA LYS B 372 -4.63 30.35 6.41
C LYS B 372 -5.61 29.20 6.24
N VAL B 373 -5.35 28.11 6.96
CA VAL B 373 -6.21 26.94 6.91
C VAL B 373 -7.35 27.09 7.90
N GLU B 374 -8.56 26.83 7.44
CA GLU B 374 -9.74 26.94 8.29
C GLU B 374 -10.60 25.71 8.07
N VAL B 375 -11.27 25.25 9.12
CA VAL B 375 -12.12 24.08 9.01
C VAL B 375 -13.11 24.28 7.86
N GLY B 376 -13.20 23.30 6.97
CA GLY B 376 -14.10 23.40 5.84
C GLY B 376 -13.40 23.78 4.55
N ASP B 377 -12.13 24.14 4.63
CA ASP B 377 -11.37 24.50 3.44
C ASP B 377 -11.02 23.23 2.71
N VAL B 378 -10.61 23.38 1.46
CA VAL B 378 -10.24 22.24 0.65
C VAL B 378 -8.78 22.40 0.25
N LEU B 379 -7.98 21.39 0.55
CA LEU B 379 -6.57 21.46 0.21
C LEU B 379 -6.36 20.58 -1.02
N ALA B 380 -5.33 20.89 -1.79
CA ALA B 380 -5.01 20.13 -3.00
C ALA B 380 -3.57 19.73 -2.99
N ILE B 381 -3.35 18.43 -3.15
CA ILE B 381 -2.00 17.92 -3.19
C ILE B 381 -1.71 17.60 -4.65
N PHE B 382 -0.67 18.26 -5.17
CA PHE B 382 -0.24 18.15 -6.55
C PHE B 382 0.45 16.84 -6.90
N ASP B 383 0.45 16.54 -8.20
CA ASP B 383 1.13 15.39 -8.76
C ASP B 383 0.87 14.02 -8.18
N VAL B 384 -0.40 13.64 -8.19
CA VAL B 384 -0.83 12.37 -7.66
C VAL B 384 -1.47 11.49 -8.74
N GLY B 385 -1.30 11.88 -10.00
CA GLY B 385 -1.86 11.12 -11.11
C GLY B 385 -1.16 9.81 -11.39
N ALA B 386 0.06 9.66 -10.89
CA ALA B 386 0.84 8.43 -11.10
C ALA B 386 1.16 7.79 -9.75
N TYR B 387 0.93 6.48 -9.67
CA TYR B 387 1.20 5.74 -8.44
C TYR B 387 0.37 6.33 -7.32
N GLY B 388 -0.84 6.74 -7.66
CA GLY B 388 -1.74 7.30 -6.68
C GLY B 388 -2.89 6.32 -6.52
N ILE B 389 -3.90 6.45 -7.37
CA ILE B 389 -5.02 5.54 -7.28
C ILE B 389 -4.52 4.13 -7.54
N SER B 390 -3.51 3.98 -8.38
CA SER B 390 -3.01 2.65 -8.67
C SER B 390 -2.47 1.92 -7.44
N MET B 391 -2.06 2.68 -6.42
CA MET B 391 -1.54 2.04 -5.22
C MET B 391 -2.49 2.22 -4.01
N ALA B 392 -3.65 2.82 -4.25
CA ALA B 392 -4.63 3.04 -3.18
C ALA B 392 -5.07 1.71 -2.58
N ASN B 393 -5.64 1.76 -1.38
CA ASN B 393 -6.10 0.55 -0.71
C ASN B 393 -7.22 0.90 0.24
N ASN B 394 -7.62 -0.05 1.08
CA ASN B 394 -8.70 0.16 2.03
C ASN B 394 -8.23 0.10 3.48
N TYR B 395 -6.94 0.36 3.70
CA TYR B 395 -6.39 0.34 5.05
C TYR B 395 -7.30 1.14 5.98
N ASN B 396 -7.52 0.62 7.19
CA ASN B 396 -8.40 1.25 8.18
C ASN B 396 -9.86 1.18 7.72
N ALA B 397 -10.16 0.17 6.90
CA ALA B 397 -11.50 -0.02 6.36
C ALA B 397 -12.08 1.25 5.75
N ARG B 398 -11.35 1.81 4.79
CA ARG B 398 -11.78 3.01 4.09
C ARG B 398 -11.77 2.68 2.60
N GLY B 399 -12.90 2.92 1.92
CA GLY B 399 -12.97 2.61 0.50
C GLY B 399 -12.14 3.60 -0.30
N ARG B 400 -11.66 3.17 -1.48
CA ARG B 400 -10.89 4.08 -2.31
C ARG B 400 -11.78 5.23 -2.75
N PRO B 401 -11.18 6.40 -2.93
CA PRO B 401 -11.89 7.63 -3.33
C PRO B 401 -12.50 7.72 -4.73
N ARG B 402 -13.24 8.81 -4.94
CA ARG B 402 -13.87 9.10 -6.20
C ARG B 402 -12.84 9.78 -7.08
N MET B 403 -13.03 9.67 -8.39
CA MET B 403 -12.15 10.32 -9.35
C MET B 403 -13.00 10.99 -10.42
N VAL B 404 -12.61 12.20 -10.79
CA VAL B 404 -13.30 12.94 -11.84
C VAL B 404 -12.27 13.37 -12.88
N LEU B 405 -12.71 13.47 -14.13
CA LEU B 405 -11.85 13.88 -15.23
C LEU B 405 -12.36 15.23 -15.68
N THR B 406 -11.48 16.22 -15.75
CA THR B 406 -11.85 17.55 -16.20
C THR B 406 -11.29 17.72 -17.61
N SER B 407 -12.17 18.04 -18.56
CA SER B 407 -11.80 18.26 -19.95
C SER B 407 -12.61 19.43 -20.48
N LYS B 408 -12.46 19.72 -21.77
CA LYS B 408 -13.17 20.81 -22.39
C LYS B 408 -14.64 20.46 -22.56
N LYS B 409 -14.93 19.17 -22.58
CA LYS B 409 -16.30 18.69 -22.71
C LYS B 409 -17.04 18.82 -21.38
N GLY B 410 -16.30 18.98 -20.30
CA GLY B 410 -16.91 19.09 -18.99
C GLY B 410 -16.17 18.21 -18.01
N VAL B 411 -16.69 18.10 -16.79
CA VAL B 411 -16.05 17.27 -15.78
C VAL B 411 -16.90 16.01 -15.57
N PHE B 412 -16.26 14.85 -15.68
CA PHE B 412 -16.99 13.59 -15.54
C PHE B 412 -16.41 12.66 -14.49
N LEU B 413 -17.28 11.88 -13.89
CA LEU B 413 -16.87 10.91 -12.88
C LEU B 413 -16.23 9.75 -13.61
N ILE B 414 -14.98 9.41 -13.26
CA ILE B 414 -14.33 8.28 -13.92
C ILE B 414 -14.09 7.13 -12.98
N ARG B 415 -14.37 7.33 -11.70
CA ARG B 415 -14.21 6.27 -10.71
C ARG B 415 -15.18 6.54 -9.55
N GLU B 416 -16.05 5.59 -9.26
CA GLU B 416 -17.01 5.76 -8.20
C GLU B 416 -16.38 5.35 -6.86
N ARG B 417 -16.77 6.02 -5.78
CA ARG B 417 -16.19 5.65 -4.49
C ARG B 417 -16.81 4.38 -3.92
N GLU B 418 -16.10 3.77 -2.97
CA GLU B 418 -16.57 2.54 -2.34
C GLU B 418 -17.31 2.84 -1.06
N THR B 419 -18.44 2.16 -0.88
CA THR B 419 -19.31 2.31 0.29
C THR B 419 -18.88 1.31 1.36
N TYR B 420 -19.59 1.28 2.48
CA TYR B 420 -19.24 0.34 3.53
C TYR B 420 -19.61 -1.07 3.06
N ALA B 421 -20.56 -1.15 2.16
CA ALA B 421 -20.99 -2.42 1.60
C ALA B 421 -19.89 -2.99 0.70
N ASP B 422 -19.12 -2.11 0.06
CA ASP B 422 -18.05 -2.56 -0.80
C ASP B 422 -16.91 -3.19 -0.02
N LEU B 423 -16.61 -2.61 1.15
CA LEU B 423 -15.54 -3.13 1.98
C LEU B 423 -15.65 -4.62 2.27
N ILE B 424 -16.86 -5.12 2.51
CA ILE B 424 -17.07 -6.54 2.81
C ILE B 424 -17.64 -7.31 1.62
N ALA B 425 -17.73 -6.63 0.48
CA ALA B 425 -18.29 -7.25 -0.71
C ALA B 425 -17.63 -8.55 -1.14
N LYS B 426 -16.45 -8.85 -0.61
CA LYS B 426 -15.77 -10.09 -0.96
C LYS B 426 -15.65 -11.04 0.24
N ASP B 427 -16.15 -10.60 1.39
CA ASP B 427 -16.08 -11.41 2.61
C ASP B 427 -17.26 -12.37 2.77
N ILE B 428 -16.97 -13.58 3.24
CA ILE B 428 -18.02 -14.56 3.43
C ILE B 428 -17.90 -15.25 4.79
N VAL B 429 -18.95 -15.15 5.60
CA VAL B 429 -18.96 -15.75 6.93
C VAL B 429 -19.38 -17.21 6.90
N PRO B 430 -18.56 -18.11 7.43
CA PRO B 430 -18.89 -19.54 7.44
C PRO B 430 -20.08 -19.82 8.37
N PRO B 431 -20.81 -20.92 8.09
CA PRO B 431 -21.98 -21.28 8.89
C PRO B 431 -21.79 -21.21 10.42
N HIS B 432 -20.77 -21.87 10.95
CA HIS B 432 -20.58 -21.85 12.40
C HIS B 432 -20.28 -20.47 12.95
N LEU B 433 -20.15 -19.47 12.09
CA LEU B 433 -19.88 -18.13 12.59
C LEU B 433 -21.02 -17.14 12.35
N LEU B 434 -22.08 -17.60 11.72
CA LEU B 434 -23.24 -16.74 11.46
C LEU B 434 -23.86 -16.37 12.79
#